data_3LWF
#
_entry.id   3LWF
#
_cell.length_a   108.961
_cell.length_b   115.782
_cell.length_c   75.927
_cell.angle_alpha   90.00
_cell.angle_beta   120.70
_cell.angle_gamma   90.00
#
_symmetry.space_group_name_H-M   'C 1 2 1'
#
loop_
_entity.id
_entity.type
_entity.pdbx_description
1 polymer 'Putative transcriptional regulator'
2 non-polymer 'SULFATE ION'
3 non-polymer 'CHLORIDE ION'
4 water water
#
_entity_poly.entity_id   1
_entity_poly.type   'polypeptide(L)'
_entity_poly.pdbx_seq_one_letter_code
;(MSE)GSDKIHHHHHHENLYFQG(MSE)KITTKGRYGLTITLELAKRIGDGPISLRSIAQDKNLSEHYLEQLIGPLRNAG
IVKSIRGAHGGYVLNGDPEKITAGDIIRTLEGPIVLVES(MSE)EDEEAAQRELWTR(MSE)RNAVRDVLDQTTLSDLLK
HSTDSELTDGY(MSE)FYI
;
_entity_poly.pdbx_strand_id   A,B,C,D
#
loop_
_chem_comp.id
_chem_comp.type
_chem_comp.name
_chem_comp.formula
CL non-polymer 'CHLORIDE ION' 'Cl -1'
SO4 non-polymer 'SULFATE ION' 'O4 S -2'
#
# COMPACT_ATOMS: atom_id res chain seq x y z
N TYR A 16 -5.36 16.46 11.35
CA TYR A 16 -5.09 17.61 10.43
C TYR A 16 -4.52 18.82 11.21
N PHE A 17 -3.20 19.02 11.13
CA PHE A 17 -2.49 20.09 11.88
C PHE A 17 -2.13 21.35 11.05
N GLN A 18 -1.96 22.46 11.75
CA GLN A 18 -1.64 23.75 11.14
C GLN A 18 -0.12 23.96 11.10
N GLY A 19 0.33 24.83 10.20
CA GLY A 19 1.76 25.21 10.14
C GLY A 19 2.54 24.27 9.27
N MSE A 20 3.85 24.47 9.18
CA MSE A 20 4.60 23.73 8.16
C MSE A 20 4.63 22.25 8.54
O MSE A 20 4.34 21.86 9.69
CB MSE A 20 6.01 24.31 7.97
CG MSE A 20 6.88 24.15 9.15
SE MSE A 20 8.52 25.20 9.12
CE MSE A 20 8.83 24.73 10.96
N LYS A 21 4.98 21.41 7.57
CA LYS A 21 4.88 19.96 7.76
C LYS A 21 6.10 19.38 8.51
N ILE A 22 6.07 19.40 9.83
CA ILE A 22 7.03 18.65 10.62
C ILE A 22 6.21 17.61 11.31
N THR A 23 6.42 16.36 10.90
CA THR A 23 5.57 15.24 11.28
C THR A 23 6.05 14.58 12.55
N THR A 24 5.40 13.48 12.89
CA THR A 24 5.82 12.74 14.06
C THR A 24 7.22 12.16 13.91
N LYS A 25 7.73 12.04 12.69
CA LYS A 25 9.02 11.44 12.51
C LYS A 25 10.09 12.34 13.15
N GLY A 26 10.09 13.61 12.76
CA GLY A 26 11.02 14.58 13.32
C GLY A 26 10.74 14.81 14.79
N ARG A 27 9.49 14.95 15.14
CA ARG A 27 9.15 15.28 16.51
C ARG A 27 9.53 14.15 17.46
N TYR A 28 9.16 12.93 17.12
CA TYR A 28 9.52 11.79 17.98
C TYR A 28 11.02 11.50 17.94
N GLY A 29 11.66 11.81 16.81
CA GLY A 29 13.11 11.76 16.71
C GLY A 29 13.73 12.67 17.75
N LEU A 30 13.17 13.87 17.88
CA LEU A 30 13.61 14.79 18.88
C LEU A 30 13.35 14.23 20.25
N THR A 31 12.18 13.66 20.48
CA THR A 31 11.89 13.09 21.79
C THR A 31 12.98 12.04 22.13
N ILE A 32 13.35 11.21 21.18
CA ILE A 32 14.31 10.14 21.44
C ILE A 32 15.69 10.73 21.82
N THR A 33 16.19 11.63 20.97
CA THR A 33 17.50 12.18 21.17
C THR A 33 17.60 13.06 22.38
N LEU A 34 16.54 13.79 22.69
CA LEU A 34 16.51 14.53 23.95
C LEU A 34 16.54 13.63 25.17
N GLU A 35 15.80 12.53 25.13
CA GLU A 35 15.82 11.60 26.29
C GLU A 35 17.20 10.96 26.43
N LEU A 36 17.83 10.63 25.30
CA LEU A 36 19.20 10.12 25.34
C LEU A 36 20.16 11.18 25.86
N ALA A 37 19.91 12.45 25.52
CA ALA A 37 20.75 13.57 25.99
C ALA A 37 20.62 13.78 27.51
N LYS A 38 19.41 13.69 28.03
CA LYS A 38 19.20 13.73 29.46
C LYS A 38 19.92 12.60 30.19
N ARG A 39 20.06 11.44 29.55
CA ARG A 39 20.44 10.26 30.31
C ARG A 39 21.86 9.83 30.00
N ILE A 40 22.65 10.75 29.44
CA ILE A 40 24.05 10.46 29.19
C ILE A 40 24.71 10.00 30.48
N GLY A 41 25.49 8.94 30.43
CA GLY A 41 26.11 8.47 31.68
C GLY A 41 25.30 7.41 32.39
N ASP A 42 24.07 7.16 31.96
CA ASP A 42 23.28 6.07 32.54
C ASP A 42 23.36 4.79 31.72
N GLY A 43 24.29 4.69 30.78
CA GLY A 43 24.35 3.45 29.98
C GLY A 43 23.28 3.42 28.89
N PRO A 44 23.18 2.30 28.20
CA PRO A 44 22.22 2.20 27.11
C PRO A 44 20.83 2.36 27.64
N ILE A 45 20.02 3.08 26.88
CA ILE A 45 18.61 3.31 27.17
C ILE A 45 17.82 2.54 26.16
N SER A 46 16.84 1.77 26.61
CA SER A 46 16.04 0.99 25.69
C SER A 46 14.91 1.82 25.07
N LEU A 47 14.58 1.51 23.83
CA LEU A 47 13.43 2.15 23.20
C LEU A 47 12.13 1.80 23.89
N ARG A 48 12.04 0.60 24.47
CA ARG A 48 10.85 0.20 25.22
C ARG A 48 10.62 1.19 26.36
N SER A 49 11.68 1.54 27.08
CA SER A 49 11.55 2.48 28.22
C SER A 49 11.13 3.89 27.77
N ILE A 50 11.73 4.42 26.72
CA ILE A 50 11.29 5.71 26.18
C ILE A 50 9.81 5.65 25.71
N ALA A 51 9.47 4.61 24.95
CA ALA A 51 8.10 4.38 24.52
C ALA A 51 7.13 4.35 25.72
N GLN A 52 7.40 3.52 26.73
CA GLN A 52 6.53 3.46 27.91
CA GLN A 52 6.52 3.46 27.92
C GLN A 52 6.45 4.83 28.59
N ASP A 53 7.59 5.47 28.81
CA ASP A 53 7.61 6.77 29.49
C ASP A 53 6.78 7.86 28.77
N LYS A 54 6.81 7.89 27.44
CA LYS A 54 6.19 8.95 26.69
C LYS A 54 4.88 8.52 26.03
N ASN A 55 4.36 7.33 26.37
CA ASN A 55 3.14 6.80 25.76
CA ASN A 55 3.14 6.79 25.77
C ASN A 55 3.17 6.79 24.22
N LEU A 56 4.29 6.33 23.67
CA LEU A 56 4.52 6.21 22.25
C LEU A 56 4.65 4.76 21.86
N SER A 57 4.48 4.48 20.57
CA SER A 57 4.64 3.14 20.04
C SER A 57 6.10 2.76 19.90
N GLU A 58 6.50 1.70 20.61
CA GLU A 58 7.85 1.26 20.54
C GLU A 58 8.19 0.87 19.13
N HIS A 59 7.29 0.14 18.47
CA HIS A 59 7.50 -0.35 17.10
C HIS A 59 7.71 0.82 16.12
N TYR A 60 6.97 1.91 16.32
CA TYR A 60 7.19 3.13 15.55
C TYR A 60 8.58 3.78 15.85
N LEU A 61 9.00 3.83 17.10
CA LEU A 61 10.31 4.43 17.42
C LEU A 61 11.40 3.59 16.78
N GLU A 62 11.18 2.28 16.67
CA GLU A 62 12.21 1.38 16.14
C GLU A 62 12.44 1.73 14.71
N GLN A 63 11.43 2.28 14.05
CA GLN A 63 11.53 2.73 12.69
C GLN A 63 12.23 4.07 12.56
N LEU A 64 12.21 4.88 13.60
CA LEU A 64 12.89 6.16 13.53
C LEU A 64 14.36 6.07 13.92
N ILE A 65 14.71 5.06 14.72
CA ILE A 65 16.05 4.99 15.32
C ILE A 65 17.10 4.62 14.25
N GLY A 66 16.69 3.94 13.20
CA GLY A 66 17.59 3.48 12.13
C GLY A 66 18.30 4.64 11.44
N PRO A 67 17.53 5.59 10.91
CA PRO A 67 18.18 6.73 10.27
C PRO A 67 19.07 7.51 11.23
N LEU A 68 18.66 7.64 12.51
CA LEU A 68 19.49 8.32 13.51
C LEU A 68 20.82 7.57 13.73
N ARG A 69 20.74 6.25 13.78
CA ARG A 69 21.90 5.42 14.00
C ARG A 69 22.81 5.50 12.77
N ASN A 70 22.23 5.35 11.60
CA ASN A 70 23.02 5.39 10.37
C ASN A 70 23.70 6.76 10.18
N ALA A 71 23.12 7.84 10.70
CA ALA A 71 23.71 9.17 10.54
C ALA A 71 24.72 9.48 11.66
N GLY A 72 24.91 8.56 12.60
CA GLY A 72 25.88 8.70 13.70
C GLY A 72 25.38 9.46 14.91
N ILE A 73 24.09 9.75 14.97
CA ILE A 73 23.53 10.58 16.03
C ILE A 73 23.35 9.74 17.30
N VAL A 74 23.03 8.46 17.12
CA VAL A 74 22.89 7.55 18.23
C VAL A 74 23.73 6.34 17.93
N LYS A 75 24.06 5.57 18.97
CA LYS A 75 24.68 4.26 18.79
C LYS A 75 23.88 3.19 19.50
N SER A 76 23.85 2.00 18.90
CA SER A 76 23.16 0.85 19.51
C SER A 76 24.18 -0.02 20.23
N ILE A 77 23.72 -0.64 21.31
CA ILE A 77 24.45 -1.67 22.05
C ILE A 77 23.48 -2.88 22.09
N ARG A 78 23.91 -4.04 21.60
CA ARG A 78 23.02 -5.19 21.58
C ARG A 78 23.01 -5.90 22.93
N GLY A 79 22.03 -6.79 23.09
CA GLY A 79 21.93 -7.65 24.25
C GLY A 79 20.98 -7.18 25.32
N ALA A 80 20.82 -8.01 26.36
CA ALA A 80 19.81 -7.84 27.40
C ALA A 80 19.89 -6.50 28.12
N HIS A 81 21.10 -6.01 28.33
CA HIS A 81 21.29 -4.70 28.93
C HIS A 81 21.60 -3.61 27.88
N GLY A 82 21.26 -3.84 26.63
CA GLY A 82 21.57 -2.89 25.56
C GLY A 82 20.54 -1.80 25.35
N GLY A 83 20.57 -1.22 24.16
CA GLY A 83 19.74 -0.08 23.91
C GLY A 83 20.54 0.89 23.11
N TYR A 84 20.28 2.17 23.36
CA TYR A 84 20.85 3.26 22.59
C TYR A 84 21.46 4.28 23.53
N VAL A 85 22.48 4.96 23.03
CA VAL A 85 23.10 6.11 23.68
C VAL A 85 23.25 7.23 22.65
N LEU A 86 23.27 8.49 23.10
CA LEU A 86 23.57 9.60 22.19
C LEU A 86 25.02 9.47 21.73
N ASN A 87 25.29 9.66 20.47
CA ASN A 87 26.65 9.50 20.01
C ASN A 87 27.37 10.84 19.79
N GLY A 88 27.31 11.72 20.74
CA GLY A 88 28.04 12.96 20.59
C GLY A 88 27.64 13.90 21.69
N ASP A 89 28.16 15.11 21.60
CA ASP A 89 27.93 16.11 22.60
C ASP A 89 26.59 16.79 22.31
N PRO A 90 25.67 16.82 23.29
CA PRO A 90 24.43 17.56 23.10
C PRO A 90 24.63 19.05 22.80
N GLU A 91 25.79 19.60 23.15
CA GLU A 91 26.13 20.99 22.87
C GLU A 91 26.57 21.17 21.42
N LYS A 92 26.82 20.08 20.71
CA LYS A 92 27.21 20.18 19.29
C LYS A 92 26.18 19.61 18.30
N ILE A 93 25.36 18.67 18.76
CA ILE A 93 24.29 18.15 17.91
C ILE A 93 23.10 19.14 17.85
N THR A 94 22.69 19.46 16.64
CA THR A 94 21.64 20.44 16.38
C THR A 94 20.25 19.86 16.08
N ALA A 95 19.25 20.72 16.21
CA ALA A 95 17.87 20.36 15.85
C ALA A 95 17.81 20.02 14.37
N GLY A 96 18.56 20.74 13.56
CA GLY A 96 18.69 20.39 12.12
C GLY A 96 19.20 18.98 11.81
N ASP A 97 20.26 18.58 12.51
CA ASP A 97 20.80 17.22 12.45
C ASP A 97 19.68 16.21 12.54
N ILE A 98 18.87 16.30 13.60
CA ILE A 98 17.85 15.35 13.87
C ILE A 98 16.68 15.45 12.87
N ILE A 99 16.12 16.66 12.73
CA ILE A 99 14.92 16.89 11.94
C ILE A 99 15.19 16.54 10.48
N ARG A 100 16.28 16.99 9.91
CA ARG A 100 16.52 16.70 8.48
C ARG A 100 16.88 15.22 8.25
N THR A 101 17.34 14.53 9.29
CA THR A 101 17.57 13.07 9.16
C THR A 101 16.24 12.32 9.05
N LEU A 102 15.23 12.79 9.77
CA LEU A 102 13.97 12.04 9.90
C LEU A 102 12.82 12.53 9.01
N GLU A 103 12.82 13.82 8.65
CA GLU A 103 11.79 14.39 7.79
C GLU A 103 12.23 14.39 6.38
N GLY A 104 11.28 14.30 5.49
CA GLY A 104 11.56 14.72 4.14
C GLY A 104 11.84 16.23 4.08
N PRO A 105 12.17 16.72 2.89
CA PRO A 105 12.40 18.16 2.70
C PRO A 105 11.22 18.92 3.26
N ILE A 106 11.44 19.92 4.11
CA ILE A 106 10.34 20.70 4.67
C ILE A 106 10.23 22.05 3.93
N VAL A 107 9.07 22.30 3.35
CA VAL A 107 8.81 23.52 2.59
C VAL A 107 8.27 24.56 3.54
N LEU A 108 8.98 25.69 3.66
CA LEU A 108 8.54 26.80 4.50
C LEU A 108 7.45 27.54 3.75
N VAL A 109 7.66 27.77 2.47
CA VAL A 109 6.79 28.58 1.68
C VAL A 109 7.06 28.20 0.26
N GLU A 110 6.01 28.19 -0.53
CA GLU A 110 6.12 28.04 -1.98
C GLU A 110 5.83 29.37 -2.68
N SER A 111 6.62 29.67 -3.71
CA SER A 111 6.50 30.88 -4.46
C SER A 111 5.52 30.57 -5.59
N MSE A 112 4.61 31.48 -5.87
CA MSE A 112 3.68 31.34 -7.01
C MSE A 112 4.38 31.67 -8.32
O MSE A 112 5.38 32.38 -8.31
CB MSE A 112 2.50 32.29 -6.84
CG MSE A 112 1.61 32.03 -5.62
SE MSE A 112 0.12 33.34 -5.53
CE MSE A 112 0.99 34.95 -6.26
N GLU A 113 3.85 31.17 -9.43
CA GLU A 113 4.46 31.36 -10.78
C GLU A 113 4.62 32.80 -11.22
N ASP A 114 3.66 33.65 -10.86
CA ASP A 114 3.69 35.05 -11.31
C ASP A 114 4.59 35.94 -10.43
N GLU A 115 5.06 35.41 -9.30
CA GLU A 115 5.76 36.23 -8.32
C GLU A 115 7.01 36.78 -8.91
N GLU A 116 7.39 37.95 -8.43
CA GLU A 116 8.59 38.59 -8.89
C GLU A 116 9.66 38.60 -7.80
N ALA A 117 10.83 39.12 -8.15
CA ALA A 117 12.00 39.07 -7.28
C ALA A 117 11.72 39.69 -5.88
N ALA A 118 10.96 40.79 -5.84
CA ALA A 118 10.69 41.47 -4.57
C ALA A 118 10.00 40.55 -3.57
N GLN A 119 9.02 39.78 -4.04
CA GLN A 119 8.34 38.81 -3.18
CA GLN A 119 8.34 38.81 -3.18
C GLN A 119 9.24 37.64 -2.81
N ARG A 120 10.01 37.13 -3.77
CA ARG A 120 10.94 36.07 -3.49
C ARG A 120 11.97 36.43 -2.43
N GLU A 121 12.33 37.71 -2.35
CA GLU A 121 13.28 38.17 -1.33
C GLU A 121 12.70 37.96 0.06
N LEU A 122 11.39 38.15 0.19
CA LEU A 122 10.81 37.92 1.50
C LEU A 122 10.92 36.46 1.88
N TRP A 123 10.72 35.59 0.89
CA TRP A 123 10.67 34.16 1.17
C TRP A 123 12.08 33.70 1.49
N THR A 124 13.05 34.22 0.74
CA THR A 124 14.48 33.98 0.94
C THR A 124 14.88 34.30 2.39
N ARG A 125 14.46 35.47 2.85
CA ARG A 125 14.81 35.89 4.22
C ARG A 125 14.18 35.02 5.30
N MSE A 126 12.92 34.69 5.11
CA MSE A 126 12.23 33.82 6.04
C MSE A 126 12.89 32.42 6.11
O MSE A 126 13.03 31.86 7.20
CB MSE A 126 10.77 33.68 5.66
CG MSE A 126 9.99 34.92 5.90
SE MSE A 126 8.14 34.59 5.31
CE MSE A 126 7.36 36.21 5.92
N ARG A 127 13.28 31.91 4.94
CA ARG A 127 13.89 30.59 4.79
C ARG A 127 15.26 30.62 5.47
N ASN A 128 16.07 31.64 5.17
CA ASN A 128 17.37 31.79 5.82
C ASN A 128 17.22 31.82 7.33
N ALA A 129 16.19 32.50 7.81
CA ALA A 129 16.00 32.69 9.25
C ALA A 129 15.70 31.36 9.93
N VAL A 130 14.79 30.59 9.35
CA VAL A 130 14.33 29.36 10.01
C VAL A 130 15.44 28.31 9.95
N ARG A 131 16.07 28.24 8.78
CA ARG A 131 17.17 27.34 8.56
C ARG A 131 18.29 27.59 9.57
N ASP A 132 18.55 28.86 9.88
CA ASP A 132 19.56 29.19 10.84
C ASP A 132 19.19 28.75 12.24
N VAL A 133 17.93 28.85 12.61
CA VAL A 133 17.50 28.36 13.91
C VAL A 133 17.79 26.83 14.02
N LEU A 134 17.44 26.07 12.98
CA LEU A 134 17.67 24.63 12.94
C LEU A 134 19.14 24.30 13.07
N ASP A 135 19.95 25.07 12.37
CA ASP A 135 21.38 24.82 12.29
C ASP A 135 22.18 25.33 13.45
N GLN A 136 21.63 26.24 14.25
CA GLN A 136 22.38 26.79 15.38
C GLN A 136 21.78 26.46 16.75
N THR A 137 20.64 25.78 16.80
CA THR A 137 20.04 25.43 18.08
C THR A 137 20.45 23.99 18.36
N THR A 138 21.03 23.75 19.54
CA THR A 138 21.52 22.44 19.91
C THR A 138 20.57 21.72 20.84
N LEU A 139 20.80 20.42 21.01
CA LEU A 139 20.01 19.67 21.96
C LEU A 139 20.14 20.31 23.35
N SER A 140 21.33 20.79 23.71
CA SER A 140 21.52 21.51 25.00
C SER A 140 20.69 22.76 25.12
N ASP A 141 20.63 23.54 24.05
CA ASP A 141 19.74 24.71 24.01
C ASP A 141 18.31 24.30 24.30
N LEU A 142 17.88 23.19 23.72
CA LEU A 142 16.48 22.80 23.87
C LEU A 142 16.21 22.32 25.29
N LEU A 143 17.09 21.49 25.83
CA LEU A 143 16.93 21.01 27.21
C LEU A 143 16.90 22.15 28.25
N LYS A 144 17.61 23.25 28.02
CA LYS A 144 17.49 24.45 28.91
C LYS A 144 16.16 25.19 28.73
N HIS A 145 15.65 25.19 27.50
CA HIS A 145 14.42 25.89 27.11
C HIS A 145 14.17 27.21 27.83
N SER A 146 15.06 28.15 27.64
CA SER A 146 14.98 29.38 28.42
C SER A 146 14.28 30.55 27.70
N THR A 147 13.83 30.41 26.45
CA THR A 147 13.12 31.52 25.77
C THR A 147 11.63 31.52 26.10
N ASP A 148 11.06 32.69 26.40
CA ASP A 148 9.62 32.81 26.67
CA ASP A 148 9.63 32.79 26.68
C ASP A 148 8.86 32.44 25.40
N SER A 149 8.00 31.42 25.48
CA SER A 149 7.22 30.99 24.31
C SER A 149 6.20 32.05 23.84
N GLU A 150 5.70 32.84 24.82
CA GLU A 150 4.60 33.83 24.61
C GLU A 150 3.23 33.20 24.32
N LEU A 151 3.12 31.88 24.40
CA LEU A 151 1.84 31.24 24.28
C LEU A 151 1.12 31.40 25.61
N THR A 152 0.23 32.38 25.70
CA THR A 152 -0.62 32.53 26.90
C THR A 152 -1.44 31.25 27.12
N ASP A 153 -1.77 30.58 26.01
CA ASP A 153 -2.52 29.32 26.01
C ASP A 153 -2.43 28.71 24.60
N GLY A 154 -3.10 27.59 24.42
CA GLY A 154 -3.11 26.95 23.11
C GLY A 154 -1.73 26.51 22.62
N TYR A 155 -1.69 26.14 21.35
CA TYR A 155 -0.60 25.37 20.83
C TYR A 155 -0.09 25.95 19.53
N MSE A 156 -0.49 27.18 19.22
CA MSE A 156 -0.22 27.75 17.91
C MSE A 156 0.90 28.74 18.03
O MSE A 156 0.86 29.63 18.88
CB MSE A 156 -1.46 28.48 17.35
CG MSE A 156 -2.74 27.66 17.25
SE MSE A 156 -2.47 26.13 16.10
CE MSE A 156 -4.34 25.55 15.98
N PHE A 157 1.86 28.61 17.14
CA PHE A 157 2.92 29.59 17.01
C PHE A 157 2.65 30.50 15.82
N TYR A 158 2.10 31.66 16.11
CA TYR A 158 1.74 32.63 15.10
C TYR A 158 2.89 33.55 14.78
N ILE A 159 3.05 33.86 13.49
CA ILE A 159 4.15 34.66 13.08
C ILE A 159 3.81 36.16 13.18
N TYR B 16 -2.84 11.36 -7.11
CA TYR B 16 -3.36 10.11 -6.45
C TYR B 16 -2.60 8.86 -6.98
N PHE B 17 -1.62 8.36 -6.20
CA PHE B 17 -0.77 7.21 -6.59
C PHE B 17 -1.15 5.93 -5.81
N GLN B 18 -1.31 4.84 -6.55
CA GLN B 18 -1.74 3.57 -5.96
C GLN B 18 -0.58 2.78 -5.35
N GLY B 19 -0.93 1.88 -4.44
CA GLY B 19 0.05 1.00 -3.83
C GLY B 19 0.65 1.67 -2.62
N MSE B 20 1.77 1.16 -2.13
CA MSE B 20 2.25 1.60 -0.80
C MSE B 20 2.96 2.92 -0.99
O MSE B 20 3.33 3.30 -2.09
CB MSE B 20 3.13 0.53 -0.10
CG MSE B 20 4.40 0.26 -0.76
SE MSE B 20 5.31 -1.34 -0.14
CE MSE B 20 6.31 -1.39 -1.80
N LYS B 21 3.15 3.63 0.11
CA LYS B 21 3.67 4.97 0.00
C LYS B 21 5.19 4.95 -0.05
N ILE B 22 5.72 4.89 -1.27
CA ILE B 22 7.10 5.18 -1.56
C ILE B 22 7.09 6.42 -2.47
N THR B 23 7.52 7.54 -1.91
CA THR B 23 7.38 8.84 -2.52
C THR B 23 8.56 9.14 -3.46
N THR B 24 8.54 10.35 -4.02
CA THR B 24 9.62 10.74 -4.90
C THR B 24 10.96 10.83 -4.16
N LYS B 25 10.93 10.95 -2.82
CA LYS B 25 12.17 11.00 -2.07
C LYS B 25 13.00 9.74 -2.36
N GLY B 26 12.41 8.60 -2.08
CA GLY B 26 13.12 7.34 -2.21
C GLY B 26 13.37 7.00 -3.64
N ARG B 27 12.39 7.32 -4.49
CA ARG B 27 12.49 7.03 -5.90
C ARG B 27 13.59 7.85 -6.55
N TYR B 28 13.61 9.16 -6.30
CA TYR B 28 14.67 10.01 -6.86
C TYR B 28 15.99 9.73 -6.18
N GLY B 29 15.94 9.33 -4.90
CA GLY B 29 17.07 8.74 -4.21
C GLY B 29 17.73 7.60 -5.00
N LEU B 30 16.90 6.68 -5.48
CA LEU B 30 17.39 5.59 -6.30
C LEU B 30 17.89 6.09 -7.61
N THR B 31 17.20 7.06 -8.21
CA THR B 31 17.71 7.62 -9.47
C THR B 31 19.14 8.17 -9.31
N ILE B 32 19.36 8.91 -8.24
CA ILE B 32 20.68 9.48 -7.98
C ILE B 32 21.69 8.35 -7.80
N THR B 33 21.42 7.49 -6.83
CA THR B 33 22.39 6.45 -6.49
C THR B 33 22.64 5.43 -7.62
N LEU B 34 21.61 5.12 -8.42
CA LEU B 34 21.82 4.26 -9.58
C LEU B 34 22.70 4.96 -10.60
N GLU B 35 22.52 6.26 -10.83
CA GLU B 35 23.42 6.98 -11.73
CA GLU B 35 23.43 6.97 -11.74
C GLU B 35 24.86 6.93 -11.19
N LEU B 36 25.01 7.16 -9.91
CA LEU B 36 26.33 7.07 -9.30
C LEU B 36 26.92 5.67 -9.40
N ALA B 37 26.07 4.63 -9.24
CA ALA B 37 26.52 3.25 -9.36
C ALA B 37 26.99 2.95 -10.81
N LYS B 38 26.25 3.42 -11.82
CA LYS B 38 26.67 3.24 -13.23
C LYS B 38 27.99 3.89 -13.48
N ARG B 39 28.23 5.00 -12.83
CA ARG B 39 29.40 5.83 -13.08
C ARG B 39 30.44 5.69 -12.01
N ILE B 40 30.50 4.52 -11.39
CA ILE B 40 31.31 4.32 -10.20
C ILE B 40 32.81 4.63 -10.45
N GLY B 41 33.31 4.42 -11.64
CA GLY B 41 34.72 4.77 -11.86
C GLY B 41 35.02 6.16 -12.38
N ASP B 42 34.02 7.01 -12.48
CA ASP B 42 34.17 8.28 -13.24
C ASP B 42 34.45 9.48 -12.37
N GLY B 43 34.53 9.33 -11.06
CA GLY B 43 34.83 10.50 -10.24
C GLY B 43 33.54 11.26 -9.93
N PRO B 44 33.67 12.45 -9.34
CA PRO B 44 32.52 13.21 -8.86
C PRO B 44 31.53 13.54 -9.95
N ILE B 45 30.27 13.26 -9.70
CA ILE B 45 29.18 13.58 -10.63
C ILE B 45 28.34 14.69 -9.96
N SER B 46 28.03 15.74 -10.70
CA SER B 46 27.24 16.85 -10.15
C SER B 46 25.75 16.52 -10.14
N LEU B 47 25.02 17.05 -9.17
CA LEU B 47 23.57 16.89 -9.15
C LEU B 47 22.93 17.63 -10.34
N ARG B 48 23.49 18.76 -10.75
CA ARG B 48 23.03 19.49 -11.95
C ARG B 48 22.96 18.57 -13.15
N SER B 49 24.02 17.77 -13.36
CA SER B 49 24.06 16.85 -14.49
C SER B 49 23.05 15.72 -14.39
N ILE B 50 22.78 15.25 -13.17
CA ILE B 50 21.76 14.25 -12.98
C ILE B 50 20.38 14.91 -13.17
N ALA B 51 20.21 16.12 -12.62
CA ALA B 51 18.95 16.85 -12.77
C ALA B 51 18.57 17.04 -14.24
N GLN B 52 19.50 17.59 -15.02
CA GLN B 52 19.26 17.85 -16.43
C GLN B 52 19.04 16.58 -17.21
N ASP B 53 19.84 15.57 -16.93
CA ASP B 53 19.76 14.32 -17.67
C ASP B 53 18.42 13.63 -17.37
N LYS B 54 17.98 13.67 -16.12
CA LYS B 54 16.74 13.00 -15.77
C LYS B 54 15.53 13.90 -15.71
N ASN B 55 15.68 15.15 -16.13
CA ASN B 55 14.59 16.12 -16.10
CA ASN B 55 14.59 16.13 -16.10
C ASN B 55 13.94 16.20 -14.72
N LEU B 56 14.77 16.38 -13.69
CA LEU B 56 14.30 16.54 -12.31
C LEU B 56 14.69 17.89 -11.77
N SER B 57 14.02 18.34 -10.72
CA SER B 57 14.43 19.58 -10.05
C SER B 57 15.78 19.39 -9.35
N GLU B 58 16.79 20.16 -9.76
CA GLU B 58 18.06 20.13 -9.05
C GLU B 58 17.92 20.50 -7.58
N HIS B 59 17.15 21.55 -7.31
CA HIS B 59 16.96 22.08 -5.97
C HIS B 59 16.37 20.98 -5.11
N TYR B 60 15.47 20.18 -5.68
CA TYR B 60 14.87 19.05 -4.96
C TYR B 60 15.93 17.97 -4.74
N LEU B 61 16.69 17.61 -5.75
CA LEU B 61 17.75 16.60 -5.56
C LEU B 61 18.75 17.05 -4.48
N GLU B 62 18.99 18.37 -4.34
CA GLU B 62 19.86 18.85 -3.29
C GLU B 62 19.34 18.53 -1.91
N GLN B 63 18.02 18.41 -1.74
CA GLN B 63 17.43 18.09 -0.44
C GLN B 63 17.49 16.59 -0.14
N LEU B 64 17.74 15.78 -1.16
CA LEU B 64 17.82 14.31 -0.96
C LEU B 64 19.25 13.87 -0.69
N ILE B 65 20.23 14.60 -1.23
CA ILE B 65 21.62 14.17 -1.16
C ILE B 65 22.16 14.24 0.27
N GLY B 66 21.66 15.19 1.04
CA GLY B 66 22.08 15.38 2.45
C GLY B 66 21.94 14.14 3.29
N PRO B 67 20.70 13.64 3.44
CA PRO B 67 20.44 12.38 4.13
C PRO B 67 21.30 11.23 3.59
N LEU B 68 21.46 11.13 2.28
CA LEU B 68 22.30 10.10 1.71
C LEU B 68 23.74 10.25 2.19
N ARG B 69 24.26 11.47 2.14
CA ARG B 69 25.62 11.75 2.55
CA ARG B 69 25.62 11.77 2.56
C ARG B 69 25.79 11.48 4.05
N ASN B 70 24.86 11.95 4.86
CA ASN B 70 24.99 11.69 6.28
C ASN B 70 24.92 10.21 6.62
N ALA B 71 24.25 9.42 5.79
CA ALA B 71 24.13 8.00 6.05
C ALA B 71 25.33 7.23 5.52
N GLY B 72 26.27 7.92 4.89
CA GLY B 72 27.44 7.27 4.35
C GLY B 72 27.22 6.60 3.02
N ILE B 73 26.09 6.85 2.37
CA ILE B 73 25.81 6.22 1.09
C ILE B 73 26.54 6.93 -0.07
N VAL B 74 26.66 8.25 0.04
CA VAL B 74 27.41 9.02 -0.96
C VAL B 74 28.45 9.83 -0.23
N LYS B 75 29.47 10.25 -0.98
CA LYS B 75 30.47 11.20 -0.51
C LYS B 75 30.49 12.40 -1.42
N SER B 76 30.67 13.58 -0.84
CA SER B 76 30.84 14.85 -1.52
C SER B 76 32.30 15.17 -1.80
N ILE B 77 32.55 15.76 -2.95
CA ILE B 77 33.85 16.28 -3.29
C ILE B 77 33.64 17.76 -3.65
N ARG B 78 34.36 18.64 -2.95
CA ARG B 78 34.08 20.08 -3.07
C ARG B 78 34.77 20.67 -4.27
N GLY B 79 34.34 21.88 -4.63
CA GLY B 79 34.99 22.63 -5.71
C GLY B 79 34.28 22.58 -7.04
N ALA B 80 34.81 23.41 -7.95
CA ALA B 80 34.24 23.65 -9.27
C ALA B 80 33.93 22.36 -9.98
N HIS B 81 34.82 21.40 -9.89
CA HIS B 81 34.64 20.16 -10.63
C HIS B 81 34.21 19.04 -9.71
N GLY B 82 33.54 19.38 -8.62
CA GLY B 82 33.20 18.40 -7.61
C GLY B 82 31.83 17.79 -7.88
N GLY B 83 31.21 17.28 -6.83
CA GLY B 83 29.96 16.56 -6.94
C GLY B 83 29.94 15.42 -5.96
N TYR B 84 29.36 14.30 -6.39
CA TYR B 84 29.17 13.17 -5.51
C TYR B 84 29.66 11.88 -6.12
N VAL B 85 30.02 10.94 -5.25
CA VAL B 85 30.33 9.59 -5.65
C VAL B 85 29.63 8.67 -4.72
N LEU B 86 29.31 7.49 -5.22
CA LEU B 86 28.78 6.45 -4.34
C LEU B 86 29.88 6.06 -3.38
N ASN B 87 29.53 5.84 -2.11
CA ASN B 87 30.53 5.44 -1.16
C ASN B 87 30.72 3.93 -1.22
N GLY B 88 31.81 3.50 -1.84
CA GLY B 88 32.09 2.07 -1.93
C GLY B 88 31.24 1.36 -2.97
N ASP B 89 30.67 0.22 -2.58
CA ASP B 89 30.42 -0.85 -3.55
C ASP B 89 28.96 -1.04 -3.93
N PRO B 90 28.63 -0.89 -5.23
CA PRO B 90 27.27 -1.10 -5.71
C PRO B 90 26.74 -2.51 -5.47
N GLU B 91 27.63 -3.48 -5.29
CA GLU B 91 27.23 -4.84 -5.04
C GLU B 91 26.89 -5.01 -3.57
N LYS B 92 27.17 -4.00 -2.76
CA LYS B 92 26.94 -4.13 -1.35
C LYS B 92 25.80 -3.20 -0.89
N ILE B 93 25.63 -2.06 -1.56
CA ILE B 93 24.59 -1.11 -1.21
C ILE B 93 23.21 -1.64 -1.69
N THR B 94 22.28 -1.72 -0.75
CA THR B 94 20.97 -2.27 -1.01
C THR B 94 19.91 -1.17 -1.31
N ALA B 95 18.77 -1.62 -1.84
CA ALA B 95 17.64 -0.77 -2.11
C ALA B 95 17.10 -0.26 -0.77
N GLY B 96 17.13 -1.13 0.22
CA GLY B 96 16.71 -0.75 1.57
C GLY B 96 17.57 0.35 2.15
N ASP B 97 18.90 0.31 1.87
CA ASP B 97 19.77 1.41 2.33
C ASP B 97 19.20 2.77 1.87
N ILE B 98 18.92 2.86 0.57
CA ILE B 98 18.49 4.08 -0.06
C ILE B 98 17.06 4.42 0.40
N ILE B 99 16.13 3.46 0.27
CA ILE B 99 14.76 3.73 0.54
C ILE B 99 14.55 4.09 2.01
N ARG B 100 15.10 3.29 2.93
CA ARG B 100 14.84 3.63 4.34
C ARG B 100 15.53 4.91 4.78
N THR B 101 16.62 5.29 4.09
CA THR B 101 17.31 6.53 4.45
C THR B 101 16.43 7.74 4.07
N LEU B 102 15.78 7.67 2.92
CA LEU B 102 15.02 8.82 2.42
C LEU B 102 13.53 8.82 2.72
N GLU B 103 12.91 7.66 2.89
CA GLU B 103 11.50 7.61 3.16
C GLU B 103 11.21 7.61 4.65
N GLY B 104 10.02 8.05 4.99
CA GLY B 104 9.50 7.73 6.31
C GLY B 104 9.30 6.20 6.45
N PRO B 105 8.88 5.74 7.63
CA PRO B 105 8.54 4.34 7.79
C PRO B 105 7.44 3.99 6.81
N ILE B 106 7.59 2.89 6.08
CA ILE B 106 6.63 2.56 5.01
C ILE B 106 5.77 1.41 5.52
N VAL B 107 4.45 1.62 5.58
CA VAL B 107 3.53 0.56 6.00
C VAL B 107 3.16 -0.32 4.81
N LEU B 108 3.41 -1.62 4.93
CA LEU B 108 2.98 -2.55 3.90
C LEU B 108 1.50 -2.83 4.12
N VAL B 109 1.12 -3.12 5.34
CA VAL B 109 -0.27 -3.44 5.59
C VAL B 109 -0.50 -3.11 7.03
N GLU B 110 -1.72 -2.67 7.32
CA GLU B 110 -2.13 -2.43 8.69
C GLU B 110 -3.11 -3.49 9.16
N SER B 111 -2.94 -3.94 10.40
CA SER B 111 -3.80 -4.97 10.98
C SER B 111 -4.99 -4.25 11.60
N MSE B 112 -6.18 -4.83 11.47
CA MSE B 112 -7.38 -4.31 12.15
C MSE B 112 -7.39 -4.81 13.57
O MSE B 112 -6.89 -5.89 13.85
CB MSE B 112 -8.67 -4.76 11.47
CG MSE B 112 -8.91 -4.18 10.08
SE MSE B 112 -10.56 -4.93 9.25
CE MSE B 112 -10.57 -6.78 9.99
N GLU B 113 -7.98 -4.03 14.47
CA GLU B 113 -8.09 -4.40 15.89
C GLU B 113 -8.73 -5.75 16.11
N ASP B 114 -9.80 -6.06 15.39
CA ASP B 114 -10.49 -7.33 15.56
C ASP B 114 -9.65 -8.57 15.17
N GLU B 115 -8.59 -8.37 14.37
CA GLU B 115 -7.92 -9.47 13.71
C GLU B 115 -7.25 -10.35 14.68
N GLU B 116 -7.20 -11.63 14.35
CA GLU B 116 -6.55 -12.60 15.18
C GLU B 116 -5.22 -13.09 14.58
N ALA B 117 -4.52 -13.89 15.38
CA ALA B 117 -3.19 -14.37 15.05
C ALA B 117 -3.07 -14.96 13.64
N ALA B 118 -4.08 -15.68 13.17
CA ALA B 118 -3.97 -16.36 11.90
C ALA B 118 -3.85 -15.34 10.76
N GLN B 119 -4.64 -14.27 10.82
CA GLN B 119 -4.57 -13.19 9.85
C GLN B 119 -3.25 -12.43 9.96
N ARG B 120 -2.85 -12.14 11.19
CA ARG B 120 -1.60 -11.44 11.40
CA ARG B 120 -1.57 -11.47 11.46
C ARG B 120 -0.42 -12.23 10.84
N GLU B 121 -0.55 -13.55 10.76
CA GLU B 121 0.52 -14.37 10.23
C GLU B 121 0.71 -14.09 8.75
N LEU B 122 -0.39 -13.87 8.02
CA LEU B 122 -0.27 -13.50 6.59
C LEU B 122 0.48 -12.15 6.45
N TRP B 123 0.11 -11.17 7.25
CA TRP B 123 0.77 -9.85 7.21
C TRP B 123 2.27 -9.98 7.54
N THR B 124 2.59 -10.80 8.55
CA THR B 124 3.97 -11.08 8.94
C THR B 124 4.78 -11.65 7.77
N ARG B 125 4.23 -12.66 7.11
CA ARG B 125 4.92 -13.27 5.97
C ARG B 125 5.11 -12.30 4.80
N MSE B 126 4.09 -11.51 4.52
CA MSE B 126 4.20 -10.50 3.45
C MSE B 126 5.27 -9.43 3.79
O MSE B 126 6.05 -9.02 2.92
CB MSE B 126 2.87 -9.81 3.22
CG MSE B 126 1.83 -10.74 2.59
SE MSE B 126 0.16 -9.74 2.35
CE MSE B 126 -0.82 -10.94 1.25
N ARG B 127 5.29 -9.02 5.06
CA ARG B 127 6.21 -8.00 5.54
C ARG B 127 7.63 -8.57 5.42
N ASN B 128 7.83 -9.79 5.92
CA ASN B 128 9.13 -10.44 5.84
C ASN B 128 9.60 -10.57 4.37
N ALA B 129 8.70 -10.82 3.44
CA ALA B 129 9.08 -11.06 2.04
C ALA B 129 9.54 -9.76 1.41
N VAL B 130 8.81 -8.67 1.65
CA VAL B 130 9.12 -7.39 1.03
C VAL B 130 10.45 -6.85 1.64
N ARG B 131 10.56 -7.00 2.93
CA ARG B 131 11.74 -6.52 3.62
C ARG B 131 13.00 -7.23 3.13
N ASP B 132 12.92 -8.55 2.99
CA ASP B 132 14.02 -9.32 2.49
C ASP B 132 14.40 -8.87 1.11
N VAL B 133 13.42 -8.52 0.27
CA VAL B 133 13.74 -7.96 -1.06
C VAL B 133 14.55 -6.65 -0.90
N LEU B 134 14.10 -5.75 -0.02
CA LEU B 134 14.76 -4.45 0.17
C LEU B 134 16.18 -4.65 0.67
N ASP B 135 16.36 -5.64 1.54
CA ASP B 135 17.64 -5.92 2.16
C ASP B 135 18.56 -6.82 1.39
N GLN B 136 18.09 -7.53 0.37
CA GLN B 136 18.96 -8.42 -0.40
CA GLN B 136 18.95 -8.41 -0.40
C GLN B 136 19.14 -7.96 -1.85
N THR B 137 18.39 -6.96 -2.28
CA THR B 137 18.56 -6.45 -3.63
C THR B 137 19.52 -5.28 -3.61
N THR B 138 20.62 -5.41 -4.35
CA THR B 138 21.64 -4.39 -4.37
C THR B 138 21.46 -3.50 -5.58
N LEU B 139 22.21 -2.39 -5.61
CA LEU B 139 22.18 -1.48 -6.71
C LEU B 139 22.65 -2.17 -8.00
N SER B 140 23.65 -3.04 -7.90
CA SER B 140 24.10 -3.84 -9.05
C SER B 140 23.02 -4.76 -9.57
N ASP B 141 22.28 -5.39 -8.67
CA ASP B 141 21.14 -6.22 -9.09
C ASP B 141 20.15 -5.38 -9.90
N LEU B 142 19.86 -4.17 -9.41
CA LEU B 142 18.85 -3.33 -10.06
C LEU B 142 19.34 -2.93 -11.44
N LEU B 143 20.62 -2.57 -11.55
CA LEU B 143 21.19 -2.14 -12.85
C LEU B 143 21.14 -3.26 -13.91
N LYS B 144 21.33 -4.51 -13.52
CA LYS B 144 21.12 -5.66 -14.44
C LYS B 144 19.65 -5.81 -14.93
N HIS B 145 18.71 -5.46 -14.07
CA HIS B 145 17.25 -5.59 -14.30
C HIS B 145 16.86 -6.82 -15.11
N SER B 146 17.21 -8.00 -14.62
CA SER B 146 17.00 -9.20 -15.45
C SER B 146 15.63 -9.87 -15.26
N THR B 147 14.83 -9.45 -14.26
CA THR B 147 13.57 -10.17 -13.99
C THR B 147 12.46 -9.63 -14.85
N ASP B 148 11.74 -10.52 -15.53
CA ASP B 148 10.56 -10.15 -16.32
C ASP B 148 9.51 -9.47 -15.41
N SER B 149 9.17 -8.21 -15.73
CA SER B 149 8.20 -7.40 -14.98
C SER B 149 6.77 -7.95 -15.07
N GLU B 150 6.45 -8.55 -16.23
CA GLU B 150 5.10 -9.03 -16.59
C GLU B 150 4.10 -7.90 -16.82
N LEU B 151 4.55 -6.65 -16.75
CA LEU B 151 3.68 -5.52 -17.05
C LEU B 151 3.56 -5.46 -18.55
N THR B 152 2.52 -6.12 -19.06
CA THR B 152 2.26 -6.14 -20.48
C THR B 152 1.93 -4.70 -20.91
N ASP B 153 1.40 -3.89 -19.97
CA ASP B 153 1.24 -2.44 -20.18
C ASP B 153 0.97 -1.70 -18.86
N GLY B 154 0.93 -0.37 -18.95
CA GLY B 154 0.69 0.44 -17.79
C GLY B 154 1.76 0.23 -16.71
N TYR B 155 1.40 0.66 -15.51
CA TYR B 155 2.37 0.97 -14.49
C TYR B 155 2.07 0.31 -13.18
N MSE B 156 1.11 -0.60 -13.16
CA MSE B 156 0.66 -1.18 -11.90
C MSE B 156 1.26 -2.57 -11.62
O MSE B 156 1.15 -3.48 -12.45
CB MSE B 156 -0.85 -1.32 -11.92
CG MSE B 156 -1.61 -0.05 -12.25
SE MSE B 156 -1.41 1.27 -10.85
CE MSE B 156 -2.35 2.75 -11.74
N PHE B 157 1.82 -2.74 -10.43
CA PHE B 157 2.27 -4.04 -9.96
C PHE B 157 1.22 -4.68 -9.06
N TYR B 158 0.42 -5.57 -9.66
CA TYR B 158 -0.67 -6.27 -8.96
C TYR B 158 -0.12 -7.50 -8.29
N ILE B 159 -0.59 -7.79 -7.08
CA ILE B 159 -0.11 -8.94 -6.35
C ILE B 159 -0.95 -10.17 -6.63
N TYR C 16 -14.34 11.27 -9.89
CA TYR C 16 -15.68 11.52 -9.23
C TYR C 16 -16.85 11.09 -10.16
N PHE C 17 -17.43 9.92 -9.88
CA PHE C 17 -18.58 9.36 -10.64
C PHE C 17 -19.86 9.26 -9.78
N GLN C 18 -21.01 9.50 -10.41
CA GLN C 18 -22.31 9.57 -9.74
C GLN C 18 -23.01 8.23 -9.74
N GLY C 19 -23.89 8.04 -8.76
CA GLY C 19 -24.73 6.84 -8.69
C GLY C 19 -24.06 5.70 -7.94
N MSE C 20 -24.69 4.53 -7.89
CA MSE C 20 -24.19 3.48 -6.98
C MSE C 20 -22.80 3.02 -7.44
O MSE C 20 -22.41 3.26 -8.59
CB MSE C 20 -25.21 2.32 -6.83
CG MSE C 20 -25.29 1.42 -7.98
SE MSE C 20 -26.85 0.25 -7.97
CE MSE C 20 -26.85 0.01 -9.88
N LYS C 21 -22.06 2.35 -6.57
CA LYS C 21 -20.67 2.04 -6.90
C LYS C 21 -20.53 0.69 -7.64
N ILE C 22 -20.58 0.74 -8.94
CA ILE C 22 -20.21 -0.36 -9.78
C ILE C 22 -19.00 0.11 -10.50
N THR C 23 -17.84 -0.47 -10.17
CA THR C 23 -16.54 0.06 -10.56
C THR C 23 -16.17 -0.48 -11.97
N THR C 24 -14.96 -0.16 -12.40
CA THR C 24 -14.49 -0.70 -13.67
C THR C 24 -14.29 -2.24 -13.64
N LYS C 25 -14.32 -2.85 -12.46
CA LYS C 25 -14.10 -4.29 -12.36
C LYS C 25 -15.32 -4.98 -12.98
N GLY C 26 -16.48 -4.70 -12.44
CA GLY C 26 -17.73 -5.18 -13.01
C GLY C 26 -17.98 -4.79 -14.45
N ARG C 27 -17.67 -3.54 -14.76
CA ARG C 27 -18.00 -3.01 -16.05
C ARG C 27 -17.08 -3.57 -17.12
N TYR C 28 -15.79 -3.67 -16.85
CA TYR C 28 -14.88 -4.28 -17.84
C TYR C 28 -15.06 -5.79 -17.90
N GLY C 29 -15.51 -6.40 -16.81
CA GLY C 29 -15.94 -7.77 -16.82
C GLY C 29 -17.06 -8.03 -17.83
N LEU C 30 -18.08 -7.16 -17.87
CA LEU C 30 -19.08 -7.22 -18.90
C LEU C 30 -18.47 -6.98 -20.26
N THR C 31 -17.56 -6.02 -20.38
CA THR C 31 -16.91 -5.82 -21.67
C THR C 31 -16.29 -7.12 -22.16
N ILE C 32 -15.57 -7.82 -21.30
CA ILE C 32 -14.90 -9.02 -21.70
C ILE C 32 -15.95 -10.07 -22.07
N THR C 33 -16.88 -10.35 -21.17
CA THR C 33 -17.79 -11.46 -21.37
C THR C 33 -18.77 -11.22 -22.50
N LEU C 34 -19.19 -9.97 -22.67
CA LEU C 34 -20.01 -9.62 -23.84
C LEU C 34 -19.22 -9.84 -25.12
N GLU C 35 -17.95 -9.47 -25.17
CA GLU C 35 -17.15 -9.74 -26.40
CA GLU C 35 -17.13 -9.74 -26.40
C GLU C 35 -17.00 -11.24 -26.63
N LEU C 36 -16.80 -12.01 -25.54
CA LEU C 36 -16.75 -13.48 -25.65
C LEU C 36 -18.10 -14.04 -26.09
N ALA C 37 -19.19 -13.46 -25.59
CA ALA C 37 -20.54 -13.92 -25.96
C ALA C 37 -20.77 -13.70 -27.46
N LYS C 38 -20.27 -12.60 -28.01
CA LYS C 38 -20.44 -12.30 -29.42
C LYS C 38 -19.65 -13.23 -30.32
N ARG C 39 -18.64 -13.90 -29.78
CA ARG C 39 -17.70 -14.64 -30.64
C ARG C 39 -17.74 -16.15 -30.37
N ILE C 40 -18.85 -16.62 -29.81
CA ILE C 40 -19.01 -18.02 -29.54
C ILE C 40 -18.79 -18.83 -30.79
N GLY C 41 -17.98 -19.87 -30.68
CA GLY C 41 -17.69 -20.70 -31.82
C GLY C 41 -16.59 -20.18 -32.71
N ASP C 42 -16.05 -18.99 -32.43
CA ASP C 42 -14.95 -18.43 -33.21
C ASP C 42 -13.55 -18.70 -32.72
N GLY C 43 -13.39 -19.50 -31.67
CA GLY C 43 -12.06 -19.75 -31.12
C GLY C 43 -11.70 -18.81 -29.98
N PRO C 44 -10.56 -19.05 -29.30
CA PRO C 44 -10.06 -18.26 -28.20
C PRO C 44 -9.88 -16.80 -28.59
N ILE C 45 -10.34 -15.90 -27.75
CA ILE C 45 -10.12 -14.47 -27.95
C ILE C 45 -9.05 -13.97 -26.96
N SER C 46 -8.01 -13.32 -27.47
CA SER C 46 -6.94 -12.78 -26.62
C SER C 46 -7.41 -11.56 -25.87
N LEU C 47 -7.04 -11.44 -24.59
CA LEU C 47 -7.24 -10.19 -23.83
C LEU C 47 -6.57 -9.00 -24.53
N ARG C 48 -5.46 -9.23 -25.23
CA ARG C 48 -4.86 -8.18 -26.04
C ARG C 48 -5.85 -7.61 -27.04
N SER C 49 -6.50 -8.49 -27.83
CA SER C 49 -7.43 -8.01 -28.86
C SER C 49 -8.55 -7.22 -28.24
N ILE C 50 -9.05 -7.67 -27.10
CA ILE C 50 -10.10 -6.91 -26.44
C ILE C 50 -9.57 -5.55 -25.95
N ALA C 51 -8.38 -5.57 -25.33
CA ALA C 51 -7.80 -4.33 -24.76
C ALA C 51 -7.59 -3.27 -25.85
N GLN C 52 -7.02 -3.70 -26.96
CA GLN C 52 -6.81 -2.82 -28.13
C GLN C 52 -8.13 -2.30 -28.69
N ASP C 53 -9.02 -3.24 -29.00
CA ASP C 53 -10.32 -2.88 -29.54
C ASP C 53 -11.04 -1.85 -28.67
N LYS C 54 -11.08 -2.05 -27.35
CA LYS C 54 -11.81 -1.15 -26.46
C LYS C 54 -10.93 -0.12 -25.72
N ASN C 55 -9.66 0.03 -26.12
CA ASN C 55 -8.75 0.98 -25.47
CA ASN C 55 -8.73 0.97 -25.47
C ASN C 55 -8.72 0.83 -23.95
N LEU C 56 -8.49 -0.41 -23.47
CA LEU C 56 -8.37 -0.70 -22.07
C LEU C 56 -6.97 -1.23 -21.76
N SER C 57 -6.62 -1.26 -20.48
CA SER C 57 -5.34 -1.86 -20.08
C SER C 57 -5.42 -3.38 -20.12
N GLU C 58 -4.64 -4.00 -21.00
CA GLU C 58 -4.57 -5.45 -21.01
C GLU C 58 -4.14 -6.02 -19.67
N HIS C 59 -3.11 -5.41 -19.07
CA HIS C 59 -2.61 -5.88 -17.77
C HIS C 59 -3.74 -5.88 -16.75
N TYR C 60 -4.59 -4.87 -16.77
CA TYR C 60 -5.75 -4.79 -15.84
C TYR C 60 -6.80 -5.88 -16.17
N LEU C 61 -7.11 -6.06 -17.44
CA LEU C 61 -8.02 -7.14 -17.85
C LEU C 61 -7.53 -8.50 -17.35
N GLU C 62 -6.21 -8.71 -17.36
CA GLU C 62 -5.63 -9.95 -16.82
C GLU C 62 -5.99 -10.16 -15.34
N GLN C 63 -6.17 -9.08 -14.60
CA GLN C 63 -6.55 -9.18 -13.20
C GLN C 63 -8.04 -9.50 -13.00
N LEU C 64 -8.87 -9.22 -13.99
CA LEU C 64 -10.32 -9.50 -13.88
C LEU C 64 -10.63 -10.89 -14.39
N ILE C 65 -9.83 -11.43 -15.30
CA ILE C 65 -10.18 -12.69 -15.90
C ILE C 65 -10.14 -13.86 -14.88
N GLY C 66 -9.28 -13.76 -13.87
CA GLY C 66 -9.10 -14.84 -12.87
C GLY C 66 -10.39 -15.20 -12.16
N PRO C 67 -11.02 -14.21 -11.54
CA PRO C 67 -12.22 -14.54 -10.79
C PRO C 67 -13.31 -15.11 -11.71
N LEU C 68 -13.34 -14.63 -12.97
CA LEU C 68 -14.34 -15.12 -13.93
C LEU C 68 -14.03 -16.59 -14.30
N ARG C 69 -12.76 -16.89 -14.46
CA ARG C 69 -12.33 -18.24 -14.80
C ARG C 69 -12.65 -19.15 -13.63
N ASN C 70 -12.25 -18.76 -12.44
CA ASN C 70 -12.50 -19.60 -11.29
C ASN C 70 -13.96 -19.86 -11.05
N ALA C 71 -14.82 -18.98 -11.52
CA ALA C 71 -16.26 -19.14 -11.29
C ALA C 71 -16.91 -19.94 -12.40
N GLY C 72 -16.14 -20.35 -13.41
CA GLY C 72 -16.66 -21.10 -14.53
C GLY C 72 -17.23 -20.31 -15.68
N ILE C 73 -17.14 -18.98 -15.64
CA ILE C 73 -17.78 -18.15 -16.62
C ILE C 73 -16.99 -18.12 -17.93
N VAL C 74 -15.66 -18.16 -17.83
CA VAL C 74 -14.82 -18.15 -19.04
C VAL C 74 -13.88 -19.33 -18.89
N LYS C 75 -13.28 -19.74 -20.00
CA LYS C 75 -12.32 -20.85 -20.01
C LYS C 75 -11.08 -20.35 -20.71
N SER C 76 -9.90 -20.66 -20.18
CA SER C 76 -8.64 -20.27 -20.82
C SER C 76 -8.17 -21.36 -21.78
N ILE C 77 -7.58 -20.95 -22.89
CA ILE C 77 -6.91 -21.84 -23.80
C ILE C 77 -5.46 -21.35 -23.83
N ARG C 78 -4.53 -22.17 -23.36
CA ARG C 78 -3.18 -21.72 -23.10
C ARG C 78 -2.43 -21.67 -24.43
N GLY C 79 -1.43 -20.78 -24.57
CA GLY C 79 -0.51 -20.83 -25.72
C GLY C 79 -0.57 -19.69 -26.74
N ALA C 80 0.28 -19.79 -27.77
CA ALA C 80 0.53 -18.70 -28.72
C ALA C 80 -0.78 -18.12 -29.23
N HIS C 81 -1.58 -18.95 -29.90
CA HIS C 81 -2.86 -18.47 -30.44
C HIS C 81 -4.03 -18.74 -29.45
N GLY C 82 -3.71 -18.91 -28.17
CA GLY C 82 -4.73 -19.12 -27.13
C GLY C 82 -5.48 -17.84 -26.76
N GLY C 83 -6.12 -17.86 -25.59
CA GLY C 83 -6.96 -16.76 -25.17
C GLY C 83 -8.05 -17.36 -24.31
N TYR C 84 -9.24 -16.77 -24.42
CA TYR C 84 -10.39 -17.10 -23.61
C TYR C 84 -11.64 -17.29 -24.47
N VAL C 85 -12.53 -18.14 -23.99
CA VAL C 85 -13.85 -18.37 -24.57
C VAL C 85 -14.88 -18.31 -23.45
N LEU C 86 -16.11 -17.93 -23.81
CA LEU C 86 -17.23 -17.98 -22.85
C LEU C 86 -17.44 -19.47 -22.52
N ASN C 87 -17.55 -19.77 -21.23
CA ASN C 87 -17.71 -21.14 -20.80
C ASN C 87 -19.17 -21.45 -20.46
N GLY C 88 -20.11 -20.96 -21.26
CA GLY C 88 -21.51 -21.25 -21.02
C GLY C 88 -22.41 -20.55 -22.01
N ASP C 89 -23.71 -20.68 -21.83
CA ASP C 89 -24.69 -20.14 -22.76
C ASP C 89 -24.96 -18.70 -22.37
N PRO C 90 -24.79 -17.77 -23.32
CA PRO C 90 -25.13 -16.38 -23.07
C PRO C 90 -26.60 -16.15 -22.78
N GLU C 91 -27.46 -17.13 -23.11
CA GLU C 91 -28.87 -17.03 -22.76
C GLU C 91 -29.10 -17.46 -21.33
N LYS C 92 -28.07 -18.01 -20.68
CA LYS C 92 -28.21 -18.45 -19.28
C LYS C 92 -27.36 -17.62 -18.28
N ILE C 93 -26.19 -17.15 -18.70
CA ILE C 93 -25.29 -16.36 -17.85
C ILE C 93 -25.87 -14.94 -17.68
N THR C 94 -26.06 -14.52 -16.43
CA THR C 94 -26.71 -13.25 -16.18
C THR C 94 -25.71 -12.12 -15.94
N ALA C 95 -26.21 -10.89 -16.01
CA ALA C 95 -25.43 -9.73 -15.63
C ALA C 95 -24.98 -9.87 -14.16
N GLY C 96 -25.83 -10.45 -13.34
CA GLY C 96 -25.48 -10.67 -11.93
C GLY C 96 -24.31 -11.64 -11.75
N ASP C 97 -24.31 -12.72 -12.52
CA ASP C 97 -23.19 -13.66 -12.54
C ASP C 97 -21.87 -12.86 -12.66
N ILE C 98 -21.80 -11.98 -13.65
CA ILE C 98 -20.56 -11.27 -13.97
C ILE C 98 -20.27 -10.24 -12.89
N ILE C 99 -21.22 -9.34 -12.66
CA ILE C 99 -21.06 -8.23 -11.77
C ILE C 99 -20.75 -8.70 -10.35
N ARG C 100 -21.44 -9.70 -9.84
CA ARG C 100 -21.22 -10.05 -8.41
C ARG C 100 -19.92 -10.85 -8.24
N THR C 101 -19.42 -11.43 -9.33
CA THR C 101 -18.13 -12.12 -9.28
C THR C 101 -16.96 -11.13 -9.16
N LEU C 102 -17.09 -9.99 -9.79
CA LEU C 102 -16.00 -9.06 -9.90
C LEU C 102 -16.11 -7.88 -8.95
N GLU C 103 -17.32 -7.48 -8.59
CA GLU C 103 -17.50 -6.33 -7.70
C GLU C 103 -17.60 -6.73 -6.28
N GLY C 104 -17.22 -5.85 -5.37
CA GLY C 104 -17.57 -6.07 -3.94
C GLY C 104 -19.08 -5.86 -3.79
N PRO C 105 -19.64 -6.12 -2.59
CA PRO C 105 -21.06 -5.93 -2.38
C PRO C 105 -21.45 -4.53 -2.83
N ILE C 106 -22.55 -4.38 -3.53
CA ILE C 106 -22.96 -3.07 -4.04
C ILE C 106 -24.15 -2.63 -3.25
N VAL C 107 -24.03 -1.48 -2.59
CA VAL C 107 -25.10 -0.92 -1.79
C VAL C 107 -25.98 -0.01 -2.66
N LEU C 108 -27.27 -0.32 -2.77
CA LEU C 108 -28.19 0.55 -3.50
C LEU C 108 -28.52 1.77 -2.63
N VAL C 109 -28.82 1.52 -1.38
CA VAL C 109 -29.22 2.57 -0.48
C VAL C 109 -28.94 2.12 0.94
N GLU C 110 -28.64 3.09 1.76
CA GLU C 110 -28.41 2.87 3.16
C GLU C 110 -29.51 3.52 3.97
N SER C 111 -29.99 2.80 4.97
CA SER C 111 -31.07 3.26 5.80
C SER C 111 -30.47 4.05 6.94
N MSE C 112 -31.14 5.09 7.43
CA MSE C 112 -30.64 5.86 8.58
C MSE C 112 -31.10 5.21 9.88
O MSE C 112 -32.11 4.52 9.92
CB MSE C 112 -31.12 7.33 8.52
CG MSE C 112 -30.58 8.13 7.39
SE MSE C 112 -31.26 10.00 7.35
CE MSE C 112 -33.13 9.73 7.99
N GLU C 113 -30.37 5.47 10.96
CA GLU C 113 -30.68 4.86 12.26
C GLU C 113 -32.12 5.16 12.69
N ASP C 114 -32.52 6.41 12.51
CA ASP C 114 -33.84 6.86 12.97
C ASP C 114 -35.04 6.37 12.09
N GLU C 115 -34.76 5.82 10.91
CA GLU C 115 -35.80 5.44 9.96
C GLU C 115 -36.67 4.33 10.46
N GLU C 116 -37.96 4.41 10.14
CA GLU C 116 -38.91 3.41 10.59
C GLU C 116 -39.32 2.44 9.49
N ALA C 117 -40.17 1.48 9.83
CA ALA C 117 -40.48 0.34 8.95
C ALA C 117 -41.06 0.80 7.60
N ALA C 118 -41.89 1.84 7.60
CA ALA C 118 -42.52 2.33 6.37
C ALA C 118 -41.46 2.75 5.34
N GLN C 119 -40.47 3.48 5.82
CA GLN C 119 -39.39 3.96 4.95
C GLN C 119 -38.52 2.81 4.51
N ARG C 120 -38.23 1.89 5.43
CA ARG C 120 -37.49 0.67 5.01
C ARG C 120 -38.18 -0.15 3.91
N GLU C 121 -39.51 -0.10 3.86
CA GLU C 121 -40.27 -0.82 2.83
C GLU C 121 -39.94 -0.28 1.45
N LEU C 122 -39.71 1.03 1.35
CA LEU C 122 -39.33 1.62 0.07
C LEU C 122 -37.97 1.12 -0.35
N TRP C 123 -37.02 1.12 0.59
CA TRP C 123 -35.70 0.58 0.27
C TRP C 123 -35.75 -0.92 -0.16
N THR C 124 -36.54 -1.71 0.53
CA THR C 124 -36.73 -3.13 0.19
C THR C 124 -37.23 -3.34 -1.23
N ARG C 125 -38.29 -2.61 -1.57
CA ARG C 125 -38.83 -2.68 -2.93
C ARG C 125 -37.82 -2.29 -4.01
N MSE C 126 -37.09 -1.21 -3.77
CA MSE C 126 -36.05 -0.80 -4.72
C MSE C 126 -34.95 -1.83 -4.85
O MSE C 126 -34.50 -2.11 -5.96
CB MSE C 126 -35.46 0.52 -4.33
CG MSE C 126 -36.41 1.66 -4.40
SE MSE C 126 -35.55 3.33 -3.81
CE MSE C 126 -36.64 4.61 -4.72
N ARG C 127 -34.51 -2.36 -3.73
CA ARG C 127 -33.46 -3.39 -3.68
C ARG C 127 -33.92 -4.61 -4.47
N ASN C 128 -35.13 -5.08 -4.19
CA ASN C 128 -35.69 -6.22 -4.91
C ASN C 128 -35.76 -5.98 -6.42
N ALA C 129 -36.14 -4.76 -6.83
CA ALA C 129 -36.33 -4.49 -8.25
C ALA C 129 -35.00 -4.53 -8.97
N VAL C 130 -33.97 -3.97 -8.34
CA VAL C 130 -32.66 -3.91 -8.96
C VAL C 130 -31.99 -5.27 -8.96
N ARG C 131 -32.09 -5.97 -7.84
CA ARG C 131 -31.60 -7.33 -7.78
C ARG C 131 -32.20 -8.21 -8.84
N ASP C 132 -33.52 -8.11 -9.01
CA ASP C 132 -34.20 -8.91 -10.00
C ASP C 132 -33.66 -8.63 -11.38
N VAL C 133 -33.36 -7.37 -11.68
CA VAL C 133 -32.81 -7.03 -13.00
C VAL C 133 -31.44 -7.73 -13.20
N LEU C 134 -30.57 -7.68 -12.19
CA LEU C 134 -29.28 -8.32 -12.27
C LEU C 134 -29.39 -9.81 -12.51
N ASP C 135 -30.32 -10.43 -11.80
CA ASP C 135 -30.49 -11.88 -11.84
C ASP C 135 -31.31 -12.41 -12.98
N GLN C 136 -32.10 -11.55 -13.64
CA GLN C 136 -32.96 -12.01 -14.74
CA GLN C 136 -32.94 -12.03 -14.74
C GLN C 136 -32.46 -11.55 -16.11
N THR C 137 -31.51 -10.60 -16.18
CA THR C 137 -31.00 -10.11 -17.47
C THR C 137 -29.78 -10.91 -17.87
N THR C 138 -29.82 -11.52 -19.04
CA THR C 138 -28.76 -12.38 -19.50
C THR C 138 -27.83 -11.63 -20.43
N LEU C 139 -26.70 -12.25 -20.76
CA LEU C 139 -25.79 -11.59 -21.67
C LEU C 139 -26.47 -11.40 -23.03
N SER C 140 -27.25 -12.39 -23.44
CA SER C 140 -28.04 -12.33 -24.68
C SER C 140 -29.01 -11.17 -24.69
N ASP C 141 -29.71 -10.96 -23.59
CA ASP C 141 -30.53 -9.75 -23.43
C ASP C 141 -29.75 -8.47 -23.68
N LEU C 142 -28.58 -8.37 -23.07
CA LEU C 142 -27.73 -7.19 -23.25
C LEU C 142 -27.32 -7.01 -24.69
N LEU C 143 -26.92 -8.09 -25.37
CA LEU C 143 -26.50 -8.02 -26.76
C LEU C 143 -27.60 -7.54 -27.71
N LYS C 144 -28.86 -7.85 -27.43
CA LYS C 144 -29.96 -7.31 -28.21
C LYS C 144 -30.20 -5.81 -27.92
N HIS C 145 -30.01 -5.42 -26.65
CA HIS C 145 -30.22 -4.05 -26.14
C HIS C 145 -31.41 -3.34 -26.76
N SER C 146 -32.59 -3.91 -26.54
CA SER C 146 -33.79 -3.41 -27.20
C SER C 146 -34.63 -2.41 -26.38
N THR C 147 -34.28 -2.11 -25.12
CA THR C 147 -35.07 -1.17 -24.34
C THR C 147 -34.63 0.27 -24.63
N ASP C 148 -35.59 1.19 -24.75
CA ASP C 148 -35.25 2.61 -24.97
C ASP C 148 -34.53 3.13 -23.72
N SER C 149 -33.28 3.57 -23.89
CA SER C 149 -32.48 4.15 -22.77
C SER C 149 -33.11 5.46 -22.20
N GLU C 150 -33.81 6.19 -23.06
CA GLU C 150 -34.38 7.50 -22.78
C GLU C 150 -33.33 8.56 -22.47
N LEU C 151 -32.07 8.29 -22.83
CA LEU C 151 -31.01 9.27 -22.62
C LEU C 151 -30.87 10.08 -23.91
N THR C 152 -31.59 11.20 -23.97
CA THR C 152 -31.46 12.15 -25.08
C THR C 152 -29.99 12.58 -25.27
N ASP C 153 -29.26 12.66 -24.15
CA ASP C 153 -27.85 13.04 -24.16
C ASP C 153 -27.20 12.64 -22.83
N GLY C 154 -25.89 12.86 -22.73
CA GLY C 154 -25.15 12.54 -21.51
C GLY C 154 -25.23 11.07 -21.05
N TYR C 155 -25.02 10.88 -19.77
CA TYR C 155 -24.61 9.60 -19.27
C TYR C 155 -25.30 9.24 -17.98
N MSE C 156 -26.26 10.02 -17.56
CA MSE C 156 -26.86 9.81 -16.25
C MSE C 156 -28.17 9.09 -16.42
O MSE C 156 -28.97 9.45 -17.27
CB MSE C 156 -27.13 11.15 -15.56
CG MSE C 156 -25.92 12.07 -15.48
SE MSE C 156 -24.57 11.30 -14.37
CE MSE C 156 -23.29 12.78 -14.32
N PHE C 157 -28.41 8.10 -15.57
CA PHE C 157 -29.68 7.39 -15.50
C PHE C 157 -30.40 7.84 -14.25
N TYR C 158 -31.35 8.78 -14.42
CA TYR C 158 -32.04 9.36 -13.29
C TYR C 158 -33.24 8.52 -12.93
N ILE C 159 -33.58 8.43 -11.65
CA ILE C 159 -34.70 7.62 -11.23
C ILE C 159 -35.99 8.42 -11.11
N TYR D 16 -9.51 6.04 7.81
CA TYR D 16 -8.34 5.89 6.89
C TYR D 16 -7.44 4.74 7.39
N PHE D 17 -6.97 3.87 6.47
CA PHE D 17 -6.09 2.70 6.82
C PHE D 17 -4.80 2.60 5.95
N GLN D 18 -3.66 2.58 6.62
CA GLN D 18 -2.35 2.61 5.97
C GLN D 18 -1.99 1.28 5.28
N GLY D 19 -1.09 1.35 4.31
CA GLY D 19 -0.57 0.16 3.63
C GLY D 19 -1.46 -0.21 2.46
N MSE D 20 -1.20 -1.34 1.82
CA MSE D 20 -1.87 -1.62 0.54
C MSE D 20 -3.36 -1.90 0.82
O MSE D 20 -3.74 -2.23 1.94
CB MSE D 20 -1.18 -2.78 -0.23
CG MSE D 20 -1.43 -4.12 0.35
SE MSE D 20 -0.22 -5.48 -0.33
CE MSE D 20 -0.04 -6.45 1.30
N LYS D 21 -4.18 -1.78 -0.21
CA LYS D 21 -5.62 -1.86 -0.05
C LYS D 21 -6.09 -3.31 -0.08
N ILE D 22 -6.12 -3.95 1.08
CA ILE D 22 -6.79 -5.20 1.28
C ILE D 22 -7.92 -4.86 2.22
N THR D 23 -9.14 -4.93 1.72
CA THR D 23 -10.28 -4.36 2.40
C THR D 23 -10.91 -5.39 3.32
N THR D 24 -12.06 -5.02 3.91
CA THR D 24 -12.79 -5.95 4.75
C THR D 24 -13.33 -7.17 3.94
N LYS D 25 -13.39 -7.06 2.62
CA LYS D 25 -13.89 -8.13 1.80
C LYS D 25 -12.96 -9.32 1.95
N GLY D 26 -11.69 -9.10 1.68
CA GLY D 26 -10.69 -10.13 1.80
C GLY D 26 -10.49 -10.56 3.24
N ARG D 27 -10.46 -9.57 4.14
CA ARG D 27 -10.10 -9.90 5.50
C ARG D 27 -11.22 -10.71 6.16
N TYR D 28 -12.46 -10.32 5.96
CA TYR D 28 -13.57 -11.06 6.57
C TYR D 28 -13.77 -12.36 5.86
N GLY D 29 -13.42 -12.39 4.57
CA GLY D 29 -13.35 -13.65 3.87
C GLY D 29 -12.42 -14.65 4.50
N LEU D 30 -11.21 -14.20 4.86
CA LEU D 30 -10.31 -15.02 5.64
C LEU D 30 -10.92 -15.36 7.00
N THR D 31 -11.56 -14.42 7.68
CA THR D 31 -12.22 -14.76 8.97
C THR D 31 -13.18 -15.96 8.80
N ILE D 32 -14.04 -15.88 7.77
CA ILE D 32 -14.99 -16.95 7.50
C ILE D 32 -14.28 -18.27 7.22
N THR D 33 -13.39 -18.28 6.22
CA THR D 33 -12.77 -19.52 5.78
C THR D 33 -11.85 -20.11 6.85
N LEU D 34 -11.21 -19.28 7.65
CA LEU D 34 -10.39 -19.79 8.74
C LEU D 34 -11.26 -20.46 9.80
N GLU D 35 -12.42 -19.87 10.13
CA GLU D 35 -13.35 -20.52 11.07
CA GLU D 35 -13.34 -20.51 11.09
C GLU D 35 -13.82 -21.87 10.49
N LEU D 36 -14.18 -21.89 9.20
CA LEU D 36 -14.62 -23.14 8.57
C LEU D 36 -13.50 -24.17 8.58
N ALA D 37 -12.26 -23.73 8.43
CA ALA D 37 -11.12 -24.66 8.39
C ALA D 37 -10.87 -25.24 9.82
N LYS D 38 -10.96 -24.38 10.82
CA LYS D 38 -10.80 -24.82 12.22
C LYS D 38 -11.85 -25.84 12.57
N ARG D 39 -13.04 -25.64 12.01
CA ARG D 39 -14.20 -26.38 12.49
C ARG D 39 -14.51 -27.53 11.50
N ILE D 40 -13.53 -27.89 10.67
CA ILE D 40 -13.73 -28.93 9.65
C ILE D 40 -14.19 -30.25 10.31
N GLY D 41 -15.24 -30.85 9.76
CA GLY D 41 -15.77 -32.04 10.34
C GLY D 41 -16.67 -31.80 11.51
N ASP D 42 -16.88 -30.57 11.96
CA ASP D 42 -17.88 -30.34 13.00
C ASP D 42 -19.29 -30.04 12.48
N GLY D 43 -19.50 -30.02 11.18
CA GLY D 43 -20.83 -29.74 10.69
C GLY D 43 -20.95 -28.29 10.26
N PRO D 44 -22.06 -27.97 9.60
CA PRO D 44 -22.31 -26.64 9.06
C PRO D 44 -22.26 -25.55 10.12
N ILE D 45 -21.67 -24.43 9.78
CA ILE D 45 -21.69 -23.25 10.69
C ILE D 45 -22.52 -22.15 10.03
N SER D 46 -23.43 -21.50 10.74
CA SER D 46 -24.12 -20.34 10.18
C SER D 46 -23.29 -19.07 10.16
N LEU D 47 -23.48 -18.27 9.11
CA LEU D 47 -22.94 -16.92 9.09
C LEU D 47 -23.42 -16.10 10.31
N ARG D 48 -24.64 -16.33 10.78
CA ARG D 48 -25.11 -15.67 11.99
C ARG D 48 -24.16 -15.95 13.18
N SER D 49 -23.77 -17.21 13.33
CA SER D 49 -22.93 -17.58 14.44
CA SER D 49 -22.89 -17.63 14.43
C SER D 49 -21.50 -17.00 14.30
N ILE D 50 -20.97 -16.94 13.09
CA ILE D 50 -19.65 -16.34 12.90
C ILE D 50 -19.72 -14.82 13.13
N ALA D 51 -20.78 -14.19 12.62
CA ALA D 51 -21.02 -12.75 12.87
C ALA D 51 -21.07 -12.45 14.37
N GLN D 52 -21.78 -13.27 15.10
CA GLN D 52 -21.93 -13.03 16.54
C GLN D 52 -20.58 -13.22 17.25
N ASP D 53 -19.88 -14.30 16.93
CA ASP D 53 -18.59 -14.62 17.52
CA ASP D 53 -18.58 -14.56 17.52
C ASP D 53 -17.58 -13.49 17.24
N LYS D 54 -17.52 -13.02 16.00
CA LYS D 54 -16.49 -12.06 15.60
C LYS D 54 -16.96 -10.62 15.64
N ASN D 55 -18.18 -10.38 16.10
CA ASN D 55 -18.79 -9.06 16.07
C ASN D 55 -18.76 -8.38 14.68
N LEU D 56 -19.26 -9.09 13.69
CA LEU D 56 -19.37 -8.55 12.35
C LEU D 56 -20.85 -8.50 11.94
N SER D 57 -21.13 -7.81 10.84
CA SER D 57 -22.46 -7.82 10.22
C SER D 57 -22.69 -9.13 9.46
N GLU D 58 -23.66 -9.89 9.94
CA GLU D 58 -24.15 -11.07 9.23
C GLU D 58 -24.53 -10.73 7.78
N HIS D 59 -25.29 -9.66 7.61
CA HIS D 59 -25.82 -9.27 6.31
C HIS D 59 -24.67 -9.01 5.36
N TYR D 60 -23.59 -8.41 5.86
CA TYR D 60 -22.40 -8.16 5.05
C TYR D 60 -21.67 -9.48 4.70
N LEU D 61 -21.53 -10.36 5.69
CA LEU D 61 -20.92 -11.69 5.48
C LEU D 61 -21.69 -12.46 4.41
N GLU D 62 -23.02 -12.32 4.45
CA GLU D 62 -23.88 -12.94 3.43
C GLU D 62 -23.46 -12.49 2.00
N GLN D 63 -22.91 -11.31 1.87
CA GLN D 63 -22.50 -10.83 0.51
C GLN D 63 -21.15 -11.34 0.08
N LEU D 64 -20.36 -11.82 1.02
CA LEU D 64 -18.99 -12.31 0.72
C LEU D 64 -18.97 -13.83 0.42
N ILE D 65 -19.91 -14.54 1.01
CA ILE D 65 -20.00 -16.01 0.88
C ILE D 65 -20.31 -16.48 -0.55
N GLY D 66 -21.09 -15.69 -1.29
CA GLY D 66 -21.42 -15.99 -2.68
C GLY D 66 -20.23 -16.25 -3.59
N PRO D 67 -19.32 -15.28 -3.71
CA PRO D 67 -18.12 -15.48 -4.49
C PRO D 67 -17.27 -16.63 -3.95
N LEU D 68 -17.24 -16.83 -2.62
CA LEU D 68 -16.46 -17.94 -2.11
C LEU D 68 -17.04 -19.29 -2.57
N ARG D 69 -18.36 -19.38 -2.53
CA ARG D 69 -19.09 -20.59 -2.91
CA ARG D 69 -19.09 -20.58 -2.90
C ARG D 69 -18.94 -20.84 -4.40
N ASN D 70 -19.06 -19.79 -5.21
CA ASN D 70 -18.96 -19.92 -6.65
C ASN D 70 -17.58 -20.31 -7.08
N ALA D 71 -16.58 -20.00 -6.25
CA ALA D 71 -15.21 -20.38 -6.58
C ALA D 71 -14.90 -21.77 -5.97
N GLY D 72 -15.88 -22.38 -5.30
CA GLY D 72 -15.69 -23.74 -4.79
C GLY D 72 -14.89 -23.82 -3.49
N ILE D 73 -14.77 -22.70 -2.75
CA ILE D 73 -13.99 -22.64 -1.53
C ILE D 73 -14.86 -23.08 -0.34
N VAL D 74 -16.14 -22.77 -0.40
CA VAL D 74 -17.05 -23.15 0.66
C VAL D 74 -18.24 -23.80 0.00
N LYS D 75 -19.01 -24.51 0.81
CA LYS D 75 -20.17 -25.26 0.36
C LYS D 75 -21.32 -24.86 1.26
N SER D 76 -22.46 -24.54 0.65
CA SER D 76 -23.70 -24.27 1.38
CA SER D 76 -23.69 -24.27 1.41
C SER D 76 -24.43 -25.59 1.58
N ILE D 77 -24.95 -25.81 2.78
CA ILE D 77 -25.70 -26.97 3.15
C ILE D 77 -27.12 -26.45 3.46
N ARG D 78 -28.10 -27.02 2.73
CA ARG D 78 -29.48 -26.63 2.81
C ARG D 78 -30.09 -27.08 4.17
N GLY D 79 -31.11 -26.35 4.62
CA GLY D 79 -31.91 -26.76 5.78
C GLY D 79 -31.78 -25.85 7.00
N ALA D 80 -32.68 -26.08 7.97
CA ALA D 80 -32.74 -25.27 9.20
C ALA D 80 -31.44 -25.50 10.02
N HIS D 81 -30.87 -26.70 9.87
CA HIS D 81 -29.56 -27.02 10.47
C HIS D 81 -28.41 -26.96 9.44
N GLY D 82 -28.53 -26.06 8.47
CA GLY D 82 -27.52 -25.92 7.43
C GLY D 82 -26.58 -24.79 7.79
N GLY D 83 -25.97 -24.25 6.76
CA GLY D 83 -24.98 -23.22 6.92
C GLY D 83 -23.87 -23.62 5.99
N TYR D 84 -22.63 -23.35 6.36
CA TYR D 84 -21.49 -23.51 5.45
C TYR D 84 -20.45 -24.44 6.03
N VAL D 85 -19.72 -25.08 5.12
CA VAL D 85 -18.53 -25.84 5.45
C VAL D 85 -17.42 -25.52 4.43
N LEU D 86 -16.17 -25.75 4.81
CA LEU D 86 -15.07 -25.56 3.87
C LEU D 86 -15.22 -26.63 2.82
N ASN D 87 -15.03 -26.27 1.57
CA ASN D 87 -15.09 -27.25 0.50
C ASN D 87 -13.68 -27.60 0.07
N GLY D 88 -13.00 -28.39 0.87
CA GLY D 88 -11.65 -28.79 0.56
C GLY D 88 -10.70 -28.77 1.75
N ASP D 89 -9.43 -28.88 1.46
CA ASP D 89 -8.40 -29.14 2.43
C ASP D 89 -7.74 -27.82 2.82
N PRO D 90 -7.75 -27.51 4.10
CA PRO D 90 -7.01 -26.37 4.61
C PRO D 90 -5.53 -26.36 4.24
N GLU D 91 -4.93 -27.53 3.99
CA GLU D 91 -3.53 -27.55 3.62
C GLU D 91 -3.28 -27.28 2.16
N LYS D 92 -4.33 -27.17 1.33
CA LYS D 92 -4.14 -26.85 -0.07
C LYS D 92 -4.74 -25.49 -0.42
N ILE D 93 -5.82 -25.07 0.24
CA ILE D 93 -6.46 -23.79 -0.07
C ILE D 93 -5.57 -22.63 0.45
N THR D 94 -5.26 -21.67 -0.41
CA THR D 94 -4.30 -20.62 -0.06
C THR D 94 -4.94 -19.30 0.29
N ALA D 95 -4.15 -18.42 0.89
CA ALA D 95 -4.60 -17.05 1.20
C ALA D 95 -4.98 -16.36 -0.07
N GLY D 96 -4.18 -16.58 -1.11
CA GLY D 96 -4.49 -16.02 -2.41
C GLY D 96 -5.85 -16.49 -2.96
N ASP D 97 -6.21 -17.76 -2.76
CA ASP D 97 -7.54 -18.23 -3.13
C ASP D 97 -8.62 -17.35 -2.50
N ILE D 98 -8.52 -17.12 -1.20
CA ILE D 98 -9.52 -16.34 -0.53
C ILE D 98 -9.49 -14.86 -0.98
N ILE D 99 -8.31 -14.25 -0.89
CA ILE D 99 -8.12 -12.81 -1.05
C ILE D 99 -8.47 -12.39 -2.45
N ARG D 100 -7.96 -13.11 -3.45
CA ARG D 100 -8.19 -12.77 -4.86
C ARG D 100 -9.60 -13.05 -5.32
N THR D 101 -10.27 -13.97 -4.65
CA THR D 101 -11.70 -14.19 -4.94
C THR D 101 -12.53 -12.97 -4.53
N LEU D 102 -12.19 -12.39 -3.40
CA LEU D 102 -13.04 -11.39 -2.76
C LEU D 102 -12.61 -9.96 -3.00
N GLU D 103 -11.31 -9.71 -3.19
CA GLU D 103 -10.77 -8.37 -3.39
C GLU D 103 -10.67 -8.03 -4.87
N GLY D 104 -10.83 -6.76 -5.20
CA GLY D 104 -10.35 -6.26 -6.51
C GLY D 104 -8.86 -6.52 -6.72
N PRO D 105 -8.37 -6.25 -7.94
CA PRO D 105 -6.94 -6.34 -8.14
C PRO D 105 -6.25 -5.46 -7.09
N ILE D 106 -5.20 -5.95 -6.45
CA ILE D 106 -4.53 -5.19 -5.41
C ILE D 106 -3.23 -4.67 -5.95
N VAL D 107 -3.03 -3.34 -5.95
CA VAL D 107 -1.78 -2.76 -6.43
C VAL D 107 -0.77 -2.71 -5.30
N LEU D 108 0.40 -3.34 -5.50
CA LEU D 108 1.46 -3.26 -4.48
C LEU D 108 2.17 -1.93 -4.61
N VAL D 109 2.49 -1.53 -5.84
CA VAL D 109 3.20 -0.30 -6.09
C VAL D 109 2.94 0.09 -7.52
N GLU D 110 2.92 1.38 -7.74
CA GLU D 110 2.76 1.96 -9.06
C GLU D 110 4.06 2.61 -9.53
N SER D 111 4.42 2.32 -10.79
CA SER D 111 5.60 2.85 -11.41
C SER D 111 5.31 4.25 -11.91
N MSE D 112 6.28 5.15 -11.82
CA MSE D 112 6.14 6.51 -12.38
C MSE D 112 6.54 6.49 -13.84
O MSE D 112 7.32 5.64 -14.26
CB MSE D 112 7.05 7.49 -11.63
CG MSE D 112 6.63 7.80 -10.18
SE MSE D 112 7.83 9.21 -9.41
CE MSE D 112 9.49 8.94 -10.45
N GLU D 113 6.03 7.43 -14.62
CA GLU D 113 6.30 7.48 -16.07
C GLU D 113 7.79 7.64 -16.35
N ASP D 114 8.49 8.42 -15.55
CA ASP D 114 9.89 8.65 -15.84
C ASP D 114 10.77 7.42 -15.53
N GLU D 115 10.27 6.47 -14.73
CA GLU D 115 11.12 5.41 -14.15
C GLU D 115 11.84 4.60 -15.18
N GLU D 116 13.03 4.17 -14.83
CA GLU D 116 13.80 3.35 -15.74
C GLU D 116 13.78 1.88 -15.32
N ALA D 117 14.33 1.02 -16.17
CA ALA D 117 14.29 -0.44 -15.97
C ALA D 117 14.84 -0.81 -14.59
N ALA D 118 15.90 -0.15 -14.13
CA ALA D 118 16.50 -0.50 -12.84
C ALA D 118 15.50 -0.31 -11.70
N GLN D 119 14.70 0.75 -11.73
CA GLN D 119 13.69 0.93 -10.66
C GLN D 119 12.57 -0.09 -10.75
N ARG D 120 12.11 -0.33 -11.97
CA ARG D 120 11.06 -1.33 -12.21
C ARG D 120 11.45 -2.72 -11.77
N GLU D 121 12.75 -3.05 -11.86
CA GLU D 121 13.24 -4.32 -11.32
C GLU D 121 12.94 -4.45 -9.82
N LEU D 122 13.05 -3.34 -9.08
CA LEU D 122 12.77 -3.38 -7.64
C LEU D 122 11.31 -3.78 -7.39
N TRP D 123 10.40 -3.12 -8.10
CA TRP D 123 8.99 -3.32 -7.94
C TRP D 123 8.63 -4.75 -8.35
N THR D 124 9.21 -5.21 -9.45
CA THR D 124 9.02 -6.56 -9.89
C THR D 124 9.38 -7.55 -8.83
N ARG D 125 10.54 -7.39 -8.19
CA ARG D 125 10.92 -8.32 -7.13
C ARG D 125 9.99 -8.26 -5.93
N MSE D 126 9.56 -7.07 -5.54
CA MSE D 126 8.66 -6.93 -4.42
C MSE D 126 7.29 -7.55 -4.73
O MSE D 126 6.68 -8.19 -3.89
CB MSE D 126 8.47 -5.47 -4.06
CG MSE D 126 9.70 -4.75 -3.53
SE MSE D 126 9.23 -2.89 -3.12
CE MSE D 126 10.82 -2.23 -2.40
N ARG D 127 6.82 -7.36 -5.95
CA ARG D 127 5.58 -7.92 -6.42
C ARG D 127 5.67 -9.44 -6.39
N ASN D 128 6.76 -9.98 -6.98
CA ASN D 128 6.90 -11.42 -7.01
C ASN D 128 6.92 -11.97 -5.59
N ALA D 129 7.54 -11.26 -4.65
CA ALA D 129 7.67 -11.78 -3.28
C ALA D 129 6.33 -11.86 -2.57
N VAL D 130 5.54 -10.81 -2.73
CA VAL D 130 4.25 -10.79 -2.03
C VAL D 130 3.27 -11.80 -2.68
N ARG D 131 3.30 -11.87 -4.00
CA ARG D 131 2.46 -12.80 -4.74
C ARG D 131 2.77 -14.25 -4.34
N ASP D 132 4.06 -14.55 -4.24
CA ASP D 132 4.47 -15.88 -3.77
C ASP D 132 3.96 -16.16 -2.36
N VAL D 133 4.00 -15.19 -1.46
CA VAL D 133 3.39 -15.39 -0.11
C VAL D 133 1.89 -15.74 -0.23
N LEU D 134 1.15 -14.99 -1.05
CA LEU D 134 -0.27 -15.25 -1.22
C LEU D 134 -0.55 -16.67 -1.73
N ASP D 135 0.27 -17.12 -2.67
CA ASP D 135 0.06 -18.35 -3.40
C ASP D 135 0.62 -19.58 -2.72
N GLN D 136 1.53 -19.41 -1.76
CA GLN D 136 2.13 -20.54 -1.08
C GLN D 136 1.72 -20.64 0.39
N THR D 137 0.99 -19.68 0.93
CA THR D 137 0.55 -19.76 2.33
C THR D 137 -0.88 -20.30 2.35
N THR D 138 -1.07 -21.40 3.06
CA THR D 138 -2.34 -22.09 3.13
C THR D 138 -3.09 -21.65 4.37
N LEU D 139 -4.36 -22.02 4.43
CA LEU D 139 -5.16 -21.75 5.62
C LEU D 139 -4.54 -22.44 6.81
N SER D 140 -4.06 -23.67 6.62
CA SER D 140 -3.35 -24.41 7.68
C SER D 140 -2.13 -23.69 8.19
N ASP D 141 -1.33 -23.16 7.28
CA ASP D 141 -0.18 -22.32 7.67
C ASP D 141 -0.65 -21.16 8.55
N LEU D 142 -1.73 -20.49 8.13
CA LEU D 142 -2.23 -19.37 8.92
C LEU D 142 -2.72 -19.83 10.32
N LEU D 143 -3.42 -20.97 10.40
CA LEU D 143 -3.95 -21.45 11.66
C LEU D 143 -2.85 -21.79 12.66
N LYS D 144 -1.70 -22.26 12.19
CA LYS D 144 -0.58 -22.47 13.10
C LYS D 144 0.06 -21.14 13.55
N HIS D 145 0.05 -20.13 12.67
CA HIS D 145 0.67 -18.84 12.91
C HIS D 145 1.95 -18.94 13.70
N SER D 146 2.95 -19.58 13.10
CA SER D 146 4.16 -19.83 13.87
C SER D 146 5.29 -18.82 13.61
N THR D 147 5.11 -17.82 12.74
CA THR D 147 6.19 -16.84 12.48
C THR D 147 6.08 -15.70 13.46
N ASP D 148 7.22 -15.21 13.98
CA ASP D 148 7.24 -14.08 14.92
C ASP D 148 6.82 -12.79 14.18
N SER D 149 5.71 -12.17 14.59
CA SER D 149 5.25 -10.93 13.93
C SER D 149 6.22 -9.74 14.11
N GLU D 150 6.99 -9.72 15.21
CA GLU D 150 7.91 -8.62 15.52
C GLU D 150 7.18 -7.29 15.83
N LEU D 151 5.86 -7.31 15.93
CA LEU D 151 5.14 -6.14 16.43
C LEU D 151 5.25 -6.17 17.94
N THR D 152 6.20 -5.40 18.47
CA THR D 152 6.31 -5.18 19.91
C THR D 152 4.98 -4.57 20.39
N ASP D 153 4.32 -3.82 19.51
CA ASP D 153 3.02 -3.21 19.78
C ASP D 153 2.49 -2.64 18.45
N GLY D 154 1.27 -2.10 18.51
CA GLY D 154 0.67 -1.48 17.32
C GLY D 154 0.21 -2.50 16.27
N TYR D 155 -0.13 -1.98 15.11
CA TYR D 155 -0.83 -2.71 14.11
C TYR D 155 -0.17 -2.53 12.75
N MSE D 156 1.02 -1.93 12.72
CA MSE D 156 1.66 -1.60 11.47
C MSE D 156 2.74 -2.60 11.14
O MSE D 156 3.59 -2.90 11.97
CB MSE D 156 2.30 -0.21 11.55
CG MSE D 156 1.37 0.89 12.04
SE MSE D 156 -0.13 1.16 10.86
CE MSE D 156 -1.00 2.72 11.66
N PHE D 157 2.74 -3.06 9.90
CA PHE D 157 3.76 -3.92 9.35
C PHE D 157 4.62 -3.08 8.44
N TYR D 158 5.78 -2.65 8.96
CA TYR D 158 6.65 -1.73 8.27
C TYR D 158 7.65 -2.58 7.52
N ILE D 159 8.04 -2.11 6.33
CA ILE D 159 8.94 -2.87 5.50
C ILE D 159 10.40 -2.48 5.72
S SO4 E . 14.57 -2.29 30.08
O1 SO4 E . 13.97 -2.00 28.79
O2 SO4 E . 14.22 -1.21 30.99
O3 SO4 E . 14.08 -3.57 30.59
O4 SO4 E . 16.03 -2.38 29.96
S SO4 F . 7.38 13.83 4.95
S SO4 F . 6.75 9.90 4.13
O1 SO4 F . 6.79 15.15 4.69
O1 SO4 F . 6.43 11.23 3.61
O2 SO4 F . 6.30 12.87 5.18
O2 SO4 F . 6.88 9.92 5.60
O3 SO4 F . 8.14 13.52 3.73
O3 SO4 F . 5.59 9.04 3.94
O4 SO4 F . 8.23 13.94 6.14
O4 SO4 F . 7.91 9.36 3.39
S SO4 G . 32.47 6.81 15.92
O1 SO4 G . 33.64 6.01 16.28
O2 SO4 G . 32.86 8.14 15.49
O3 SO4 G . 31.75 6.20 14.79
O4 SO4 G . 31.61 6.99 17.07
S SO4 H . 6.91 28.97 28.47
O1 SO4 H . 7.95 29.78 27.83
O2 SO4 H . 6.12 29.86 29.32
O3 SO4 H . 6.01 28.38 27.49
O4 SO4 H . 7.47 27.91 29.28
S SO4 I . 20.20 -8.95 20.97
O1 SO4 I . 20.34 -8.98 19.52
O2 SO4 I . 19.86 -7.58 21.39
O3 SO4 I . 19.13 -9.83 21.41
O4 SO4 I . 21.44 -9.45 21.56
S SO4 J . 22.77 -2.42 14.83
O1 SO4 J . 23.87 -1.66 14.20
O2 SO4 J . 21.93 -1.47 15.54
O3 SO4 J . 21.98 -3.15 13.85
O4 SO4 J . 23.34 -3.41 15.74
S SO4 K . 19.32 44.16 5.92
O1 SO4 K . 18.12 44.32 5.08
O2 SO4 K . 19.18 44.92 7.17
O3 SO4 K . 19.52 42.76 6.27
O4 SO4 K . 20.45 44.67 5.17
S SO4 L . 17.74 0.76 8.84
O1 SO4 L . 17.41 0.02 7.60
O2 SO4 L . 16.92 1.98 8.96
O3 SO4 L . 17.58 -0.08 10.03
O4 SO4 L . 19.17 1.05 8.72
CL CL M . 2.61 12.59 11.13
S SO4 N . 35.93 11.65 2.78
O1 SO4 N . 35.98 12.61 1.64
O2 SO4 N . 34.54 11.32 3.11
O3 SO4 N . 36.63 10.46 2.28
O4 SO4 N . 36.59 12.09 4.04
S SO4 O . 10.41 -5.87 -18.81
O1 SO4 O . 10.64 -6.46 -20.10
O2 SO4 O . 9.24 -5.00 -18.87
O3 SO4 O . 10.23 -6.95 -17.86
O4 SO4 O . 11.56 -5.05 -18.46
S SO4 P . 31.74 19.49 3.33
O1 SO4 P . 32.33 19.73 2.01
O2 SO4 P . 31.09 20.71 3.78
O3 SO4 P . 30.80 18.38 3.28
O4 SO4 P . 32.77 19.14 4.30
S SO4 Q . 28.02 20.32 -14.33
O1 SO4 Q . 28.57 21.28 -15.28
O2 SO4 Q . 28.25 20.84 -13.00
O3 SO4 Q . 26.57 20.21 -14.55
O4 SO4 Q . 28.69 19.03 -14.54
CL CL R . 31.09 13.29 2.50
CL CL S . -5.34 -13.23 18.77
S SO4 T . -15.55 -2.44 -4.63
S SO4 T . -11.53 -3.02 -4.05
O1 SO4 T . -16.41 -1.30 -4.40
O1 SO4 T . -11.67 -3.12 -5.50
O2 SO4 T . -15.67 -3.31 -3.45
O2 SO4 T . -12.57 -2.19 -3.43
O3 SO4 T . -16.01 -3.15 -5.83
O3 SO4 T . -11.45 -4.35 -3.46
O4 SO4 T . -14.22 -1.88 -4.74
O4 SO4 T . -10.25 -2.39 -3.73
S SO4 U . -30.95 4.25 -27.07
O1 SO4 U . -31.78 5.31 -27.62
O2 SO4 U . -29.99 4.86 -26.18
O3 SO4 U . -31.80 3.31 -26.37
O4 SO4 U . -30.20 3.57 -28.11
S SO4 V . -3.66 -11.11 -30.21
O1 SO4 V . -3.01 -11.33 -28.92
O2 SO4 V . -4.27 -9.77 -30.27
O3 SO4 V . -2.65 -11.23 -31.25
O4 SO4 V . -4.68 -12.12 -30.45
S SO4 W . -48.50 -3.97 -3.25
O1 SO4 W . -48.30 -2.53 -3.22
O2 SO4 W . -48.12 -4.50 -1.94
O3 SO4 W . -49.90 -4.29 -3.51
O4 SO4 W . -47.69 -4.57 -4.31
CL CL X . -13.15 2.21 -10.86
CL CL Y . -12.32 -28.01 -22.16
CL CL Z . -39.45 0.59 13.22
S SO4 AA . 19.70 -12.35 -8.09
O1 SO4 AA . 19.72 -10.90 -8.07
O2 SO4 AA . 18.85 -12.86 -7.01
O3 SO4 AA . 19.19 -12.80 -9.39
O4 SO4 AA . 21.06 -12.83 -7.91
S SO4 BA . -24.07 -15.18 -5.54
O1 SO4 BA . -24.05 -16.02 -6.75
O2 SO4 BA . -24.99 -14.06 -5.69
O3 SO4 BA . -24.52 -16.03 -4.43
O4 SO4 BA . -22.76 -14.55 -5.30
S SO4 CA . 13.60 2.27 -19.51
O1 SO4 CA . 13.72 3.34 -20.49
O2 SO4 CA . 12.41 2.58 -18.72
O3 SO4 CA . 13.36 0.98 -20.18
O4 SO4 CA . 14.81 2.19 -18.70
CL CL DA . 3.45 -12.67 17.56
#